data_7TTZ
#
_entry.id   7TTZ
#
_cell.length_a   135.505
_cell.length_b   165.447
_cell.length_c   46.434
_cell.angle_alpha   90.000
_cell.angle_beta   90.000
_cell.angle_gamma   90.000
#
_symmetry.space_group_name_H-M   'P 21 21 2'
#
loop_
_entity.id
_entity.type
_entity.pdbx_description
1 polymer 'IgA Fc'
2 polymer 'IgA Fc'
3 polymer 'Superantigen-like protein SSL7'
4 non-polymer 2-acetamido-2-deoxy-beta-D-glucopyranose
5 non-polymer 2-(2-{2-[2-(2-METHOXY-ETHOXY)-ETHOXY]-ETHOXY}-ETHOXY)-ETHANOL
6 non-polymer GLYCEROL
7 non-polymer 1,2-ETHANEDIOL
8 water water
#
loop_
_entity_poly.entity_id
_entity_poly.type
_entity_poly.pdbx_seq_one_letter_code
_entity_poly.pdbx_strand_id
1 'polypeptide(L)'
;RVPPPPPCCHPRLSLHRPALEDLLLGSEANLTCTLTGLRDASGATFTWTPSSGKSAVQGPPERDLCGCYSVSSVLPGSAQ
PWNHGETFTCTAAHPELKTPLTATLSKSGNTFRPEVHLLPPPSEELALNELVTLTCLARGFSPKDVLVRWLQGSQELPRE
KYLTWASRQEPSQGTTTFFVYSILRVAAEDWKKGDTFSCMVGHEALPLAFTQKTIDRLAG
;
A
2 'polypeptide(L)'
;RVPPPPPCCHPRLSLHRPALEDLLLGSEANLTCTLTGLRDASGATFTWTPSSGKSAVQGPPERDLCGCYSVSSVLPGSAQ
PWNHGETFTCTAAHPELKTPLTATLSKSGNTFRPEVHLLPPPSEELALNELVTLTCLARGFSPKDVLVRWLQGSQELPRE
KYVTTASRQEPSQGTTTFAVTSLLRVAAEDWKKGDTFSCMVGHEALPLAFTQKTIDRLAG
;
B
3 'polypeptide(L)'
;KEKQERVQHLYDIKDLHRYYSSESFEFSNISGKVENYNGSNVVRFNQEKQNHQLFLLGEDKAKYKQGLQGQDVFVVKELI
DPNGRLSTVGGVTKKNNQSSETNIHLLVNKLDGGNLDATNDSFLINKEEVSLKELDFKIRKQLVEKYGLYQGTSKYGKIT
IILNGGKKQEIDLGDKLQFERMGDVLNSKDINKIEVTLKQI
;
C,D
#
loop_
_chem_comp.id
_chem_comp.type
_chem_comp.name
_chem_comp.formula
1PG non-polymer 2-(2-{2-[2-(2-METHOXY-ETHOXY)-ETHOXY]-ETHOXY}-ETHOXY)-ETHANOL 'C11 H24 O6'
EDO non-polymer 1,2-ETHANEDIOL 'C2 H6 O2'
GOL non-polymer GLYCEROL 'C3 H8 O3'
NAG D-saccharide, beta linking 2-acetamido-2-deoxy-beta-D-glucopyranose 'C8 H15 N O6'
#
# COMPACT_ATOMS: atom_id res chain seq x y z
N CYS A 9 22.70 -17.40 29.96
CA CYS A 9 22.90 -16.08 29.35
C CYS A 9 24.10 -16.11 28.40
N HIS A 10 24.02 -15.44 27.25
CA HIS A 10 24.99 -15.69 26.17
C HIS A 10 25.30 -14.31 25.61
N PRO A 11 26.27 -13.61 26.25
CA PRO A 11 26.68 -12.25 25.85
C PRO A 11 26.74 -12.10 24.34
N ARG A 12 26.09 -11.05 23.88
CA ARG A 12 26.06 -10.66 22.48
C ARG A 12 26.29 -9.16 22.44
N LEU A 13 27.06 -8.71 21.45
CA LEU A 13 27.33 -7.29 21.25
C LEU A 13 26.77 -6.85 19.90
N SER A 14 26.00 -5.76 19.92
CA SER A 14 25.43 -5.17 18.72
C SER A 14 25.55 -3.66 18.81
N LEU A 15 25.89 -3.01 17.70
CA LEU A 15 26.01 -1.56 17.65
C LEU A 15 24.97 -1.02 16.69
N HIS A 16 24.31 0.06 17.09
CA HIS A 16 23.13 0.57 16.40
C HIS A 16 23.43 1.94 15.79
N ARG A 17 23.02 2.11 14.53
CA ARG A 17 23.19 3.36 13.84
C ARG A 17 22.39 4.47 14.52
N PRO A 18 22.77 5.73 14.30
CA PRO A 18 21.93 6.83 14.80
C PRO A 18 20.53 6.73 14.20
N ALA A 19 19.51 6.91 15.05
CA ALA A 19 18.14 6.91 14.57
C ALA A 19 17.98 7.93 13.46
N LEU A 20 17.36 7.51 12.35
CA LEU A 20 17.12 8.45 11.25
C LEU A 20 16.30 9.64 11.73
N GLU A 21 15.33 9.40 12.62
CA GLU A 21 14.52 10.49 13.15
C GLU A 21 15.39 11.56 13.80
N ASP A 22 16.45 11.16 14.50
CA ASP A 22 17.32 12.14 15.15
C ASP A 22 18.18 12.87 14.12
N LEU A 23 18.77 12.12 13.19
CA LEU A 23 19.62 12.72 12.17
C LEU A 23 18.88 13.81 11.41
N LEU A 24 17.65 13.52 10.98
CA LEU A 24 16.93 14.42 10.09
C LEU A 24 16.07 15.44 10.82
N LEU A 25 15.61 15.14 12.04
CA LEU A 25 14.75 16.06 12.76
C LEU A 25 15.23 16.44 14.16
N GLY A 26 16.13 15.67 14.76
CA GLY A 26 16.67 16.01 16.07
C GLY A 26 17.89 16.92 15.96
N SER A 27 18.16 17.60 17.07
CA SER A 27 19.40 18.33 17.22
C SER A 27 20.52 17.43 17.74
N GLU A 28 20.22 16.23 18.29
CA GLU A 28 21.25 15.27 18.70
C GLU A 28 21.03 13.89 18.08
N ALA A 29 22.14 13.18 17.95
CA ALA A 29 22.11 11.79 17.55
C ALA A 29 23.25 11.00 18.18
N ASN A 30 23.00 9.72 18.46
CA ASN A 30 23.97 8.87 19.14
C ASN A 30 24.01 7.48 18.50
N LEU A 31 25.19 6.91 18.42
CA LEU A 31 25.33 5.47 18.24
C LEU A 31 25.17 4.80 19.60
N THR A 32 24.63 3.58 19.60
CA THR A 32 24.39 2.84 20.83
C THR A 32 25.00 1.45 20.71
N CYS A 33 25.95 1.15 21.58
CA CYS A 33 26.60 -0.15 21.66
C CYS A 33 26.00 -0.90 22.85
N THR A 34 25.30 -2.00 22.57
CA THR A 34 24.61 -2.77 23.59
C THR A 34 25.26 -4.13 23.76
N LEU A 35 25.42 -4.55 25.02
CA LEU A 35 25.94 -5.87 25.37
C LEU A 35 24.83 -6.60 26.11
N THR A 36 24.17 -7.53 25.43
CA THR A 36 23.05 -8.24 26.01
C THR A 36 23.46 -9.66 26.38
N GLY A 37 22.77 -10.21 27.36
CA GLY A 37 23.00 -11.58 27.78
C GLY A 37 23.78 -11.69 29.07
N LEU A 38 23.69 -10.71 29.93
CA LEU A 38 24.63 -10.63 31.05
C LEU A 38 23.97 -11.18 32.30
N ARG A 39 24.65 -12.15 32.94
CA ARG A 39 24.12 -12.66 34.20
C ARG A 39 24.36 -11.68 35.34
N ASP A 40 25.49 -10.96 35.30
CA ASP A 40 25.81 -9.91 36.27
C ASP A 40 26.26 -8.70 35.47
N ALA A 41 25.39 -7.69 35.35
CA ALA A 41 25.69 -6.48 34.57
C ALA A 41 26.59 -5.54 35.36
N SER A 42 27.77 -6.04 35.71
CA SER A 42 28.77 -5.27 36.43
C SER A 42 30.11 -5.41 35.74
N GLY A 43 30.90 -4.34 35.78
CA GLY A 43 32.24 -4.38 35.24
C GLY A 43 32.32 -4.40 33.72
N ALA A 44 31.32 -3.83 33.04
CA ALA A 44 31.34 -3.71 31.58
C ALA A 44 32.05 -2.41 31.21
N THR A 45 33.04 -2.51 30.33
CA THR A 45 33.80 -1.34 29.89
C THR A 45 33.72 -1.24 28.37
N PHE A 46 33.39 -0.04 27.88
CA PHE A 46 33.28 0.24 26.46
C PHE A 46 34.32 1.30 26.09
N THR A 47 34.82 1.26 24.86
CA THR A 47 35.89 2.15 24.43
C THR A 47 35.88 2.16 22.92
N TRP A 48 35.97 3.32 22.27
CA TRP A 48 35.65 3.17 20.88
C TRP A 48 36.56 4.07 20.04
N THR A 49 36.26 4.10 18.73
CA THR A 49 37.02 4.88 17.75
C THR A 49 36.28 6.16 17.35
N SER A 52 38.94 9.45 21.24
CA SER A 52 39.20 9.99 19.91
C SER A 52 37.98 10.76 19.41
N GLY A 53 37.25 11.37 20.34
CA GLY A 53 36.06 12.14 20.02
C GLY A 53 35.48 12.79 21.26
N LYS A 54 34.25 12.40 21.63
CA LYS A 54 33.58 12.85 22.84
C LYS A 54 33.43 11.68 23.80
N SER A 55 33.18 12.00 25.05
CA SER A 55 33.15 10.99 26.11
C SER A 55 31.85 10.21 26.04
N ALA A 56 31.96 8.89 25.91
CA ALA A 56 30.78 8.05 25.78
C ALA A 56 30.23 7.71 27.15
N VAL A 57 28.93 7.91 27.31
CA VAL A 57 28.22 7.61 28.54
C VAL A 57 27.69 6.19 28.51
N GLN A 58 28.11 5.40 29.50
CA GLN A 58 27.38 4.18 29.78
C GLN A 58 26.03 4.51 30.42
N GLY A 59 25.05 3.64 30.21
CA GLY A 59 23.84 3.76 30.98
C GLY A 59 23.67 2.67 32.01
N PRO A 60 22.47 2.55 32.58
CA PRO A 60 22.22 1.57 33.66
C PRO A 60 22.08 0.17 33.11
N PRO A 61 22.16 -0.85 33.98
CA PRO A 61 21.90 -2.22 33.53
C PRO A 61 20.41 -2.40 33.25
N GLU A 62 20.10 -3.43 32.48
CA GLU A 62 18.69 -3.70 32.19
C GLU A 62 18.53 -5.13 31.71
N ARG A 63 17.48 -5.79 32.20
CA ARG A 63 17.12 -7.10 31.69
C ARG A 63 16.73 -7.03 30.21
N ASP A 64 17.07 -8.08 29.47
CA ASP A 64 16.49 -8.33 28.16
C ASP A 64 15.37 -9.36 28.33
N LEU A 65 15.14 -10.17 27.31
CA LEU A 65 14.12 -11.20 27.32
C LEU A 65 14.69 -12.49 27.89
N CYS A 66 13.80 -13.36 28.34
CA CYS A 66 14.19 -14.62 28.95
C CYS A 66 15.22 -14.40 30.05
N GLY A 67 14.88 -13.51 30.99
CA GLY A 67 15.83 -13.20 32.05
C GLY A 67 17.05 -12.45 31.53
N CYS A 68 18.19 -12.69 32.18
CA CYS A 68 19.46 -12.08 31.81
C CYS A 68 19.42 -10.56 31.87
N TYR A 69 20.59 -9.91 31.68
CA TYR A 69 20.67 -8.46 31.76
C TYR A 69 21.32 -7.86 30.51
N SER A 70 21.61 -6.56 30.54
CA SER A 70 22.32 -5.91 29.45
C SER A 70 22.66 -4.48 29.84
N VAL A 71 23.76 -3.96 29.27
CA VAL A 71 24.17 -2.58 29.47
C VAL A 71 24.51 -1.98 28.11
N SER A 72 24.33 -0.66 27.98
CA SER A 72 24.57 0.04 26.73
C SER A 72 25.49 1.23 26.94
N SER A 73 26.20 1.60 25.88
CA SER A 73 27.02 2.81 25.85
C SER A 73 26.57 3.66 24.67
N VAL A 74 26.02 4.83 24.94
CA VAL A 74 25.67 5.77 23.89
C VAL A 74 26.89 6.65 23.60
N LEU A 75 27.12 6.99 22.32
CA LEU A 75 28.21 7.89 21.98
C LEU A 75 27.54 9.19 21.54
N PRO A 76 27.44 10.21 22.40
CA PRO A 76 26.63 11.38 22.04
C PRO A 76 27.27 12.20 20.92
N GLY A 77 26.43 13.04 20.30
CA GLY A 77 26.92 14.01 19.32
C GLY A 77 27.66 13.40 18.15
N SER A 78 27.18 12.25 17.69
CA SER A 78 27.82 11.53 16.60
C SER A 78 27.27 11.87 15.21
N ALA A 79 26.31 12.79 15.10
CA ALA A 79 25.69 13.06 13.81
C ALA A 79 26.73 13.44 12.75
N GLN A 80 27.49 14.48 13.02
CA GLN A 80 28.50 14.96 12.06
C GLN A 80 29.51 13.90 11.68
N PRO A 81 30.23 13.26 12.60
CA PRO A 81 31.11 12.14 12.19
C PRO A 81 30.38 11.07 11.39
N TRP A 82 29.18 10.68 11.84
CA TRP A 82 28.40 9.69 11.08
C TRP A 82 28.14 10.16 9.66
N ASN A 83 27.68 11.40 9.51
CA ASN A 83 27.35 11.91 8.19
C ASN A 83 28.58 12.19 7.34
N HIS A 84 29.77 12.26 7.95
CA HIS A 84 30.98 12.50 7.19
C HIS A 84 31.57 11.24 6.57
N GLY A 85 31.13 10.06 7.00
CA GLY A 85 31.69 8.80 6.50
C GLY A 85 32.58 8.05 7.46
N GLU A 86 32.72 8.53 8.68
CA GLU A 86 33.43 7.91 9.79
C GLU A 86 32.97 6.47 10.05
N THR A 87 33.97 5.61 10.32
CA THR A 87 33.78 4.23 10.72
C THR A 87 33.96 4.16 12.23
N PHE A 88 32.92 3.73 12.92
CA PHE A 88 32.95 3.57 14.37
C PHE A 88 33.24 2.11 14.72
N THR A 89 33.99 1.92 15.81
CA THR A 89 34.24 0.59 16.35
C THR A 89 34.01 0.62 17.86
N CYS A 90 33.31 -0.38 18.36
CA CYS A 90 33.00 -0.49 19.79
C CYS A 90 33.47 -1.85 20.28
N THR A 91 34.41 -1.86 21.22
CA THR A 91 34.88 -3.08 21.87
C THR A 91 34.38 -3.07 23.31
N ALA A 92 33.64 -4.11 23.68
CA ALA A 92 33.11 -4.25 25.03
C ALA A 92 33.86 -5.39 25.74
N ALA A 93 34.43 -5.07 26.90
CA ALA A 93 35.13 -6.06 27.71
C ALA A 93 34.32 -6.34 28.97
N HIS A 94 34.23 -7.61 29.34
CA HIS A 94 33.43 -8.04 30.48
C HIS A 94 33.98 -9.35 31.01
N PRO A 95 33.85 -9.63 32.31
CA PRO A 95 34.38 -10.89 32.85
C PRO A 95 33.61 -12.13 32.42
N GLU A 96 32.40 -11.99 31.87
CA GLU A 96 31.60 -13.14 31.47
C GLU A 96 31.85 -13.58 30.03
N LEU A 97 32.70 -12.87 29.32
CA LEU A 97 33.19 -13.28 28.01
C LEU A 97 34.68 -13.51 28.07
N LYS A 98 35.19 -14.38 27.19
CA LYS A 98 36.61 -14.68 27.22
C LYS A 98 37.41 -13.45 26.76
N THR A 99 37.31 -13.15 25.45
CA THR A 99 37.96 -12.02 24.76
C THR A 99 36.94 -10.96 24.39
N PRO A 100 37.09 -9.76 24.89
CA PRO A 100 36.17 -8.65 24.55
C PRO A 100 35.71 -8.71 23.10
N LEU A 101 34.45 -8.42 22.93
CA LEU A 101 33.76 -8.47 21.64
C LEU A 101 33.81 -7.09 21.00
N THR A 102 33.73 -7.09 19.67
CA THR A 102 33.91 -5.89 18.87
C THR A 102 32.77 -5.78 17.89
N ALA A 103 32.47 -4.55 17.51
CA ALA A 103 31.41 -4.27 16.54
C ALA A 103 31.77 -3.01 15.77
N THR A 104 31.71 -3.11 14.45
CA THR A 104 32.01 -2.00 13.56
C THR A 104 30.74 -1.54 12.85
N LEU A 105 30.71 -0.25 12.50
CA LEU A 105 29.57 0.32 11.80
C LEU A 105 29.95 1.68 11.23
N SER A 106 29.48 1.94 10.01
CA SER A 106 29.71 3.22 9.35
C SER A 106 28.52 3.52 8.46
N LYS A 107 28.35 4.80 8.14
CA LYS A 107 27.25 5.23 7.28
C LYS A 107 27.38 4.58 5.91
N SER A 108 26.24 4.29 5.31
CA SER A 108 26.22 3.41 4.15
C SER A 108 26.58 4.14 2.86
N GLY A 109 27.40 3.48 2.05
CA GLY A 109 27.44 3.75 0.63
C GLY A 109 26.38 2.93 -0.08
N ASN A 110 26.36 3.03 -1.40
CA ASN A 110 25.36 2.36 -2.22
C ASN A 110 23.95 2.65 -1.69
N THR A 111 23.62 3.93 -1.67
CA THR A 111 22.30 4.39 -1.27
C THR A 111 21.49 4.76 -2.50
N PHE A 112 20.17 4.63 -2.39
CA PHE A 112 19.27 4.93 -3.49
C PHE A 112 18.09 5.75 -2.98
N ARG A 113 17.70 6.75 -3.76
CA ARG A 113 16.61 7.62 -3.36
C ARG A 113 15.29 6.86 -3.42
N PRO A 114 14.36 7.12 -2.51
CA PRO A 114 13.01 6.55 -2.65
C PRO A 114 12.24 7.23 -3.79
N GLU A 115 11.53 6.42 -4.58
CA GLU A 115 10.49 6.92 -5.47
C GLU A 115 9.20 7.03 -4.65
N VAL A 116 8.69 8.25 -4.51
CA VAL A 116 7.55 8.51 -3.63
C VAL A 116 6.30 8.70 -4.48
N HIS A 117 5.24 7.97 -4.16
CA HIS A 117 3.97 8.05 -4.86
C HIS A 117 2.84 8.14 -3.85
N LEU A 118 1.79 8.89 -4.19
CA LEU A 118 0.60 9.04 -3.37
C LEU A 118 -0.60 8.69 -4.24
N LEU A 119 -1.35 7.68 -3.81
CA LEU A 119 -2.35 7.10 -4.71
C LEU A 119 -3.74 7.59 -4.33
N PRO A 120 -4.59 7.88 -5.33
CA PRO A 120 -5.95 8.35 -5.04
C PRO A 120 -6.77 7.26 -4.37
N PRO A 121 -7.96 7.60 -3.86
CA PRO A 121 -8.79 6.58 -3.22
C PRO A 121 -9.40 5.64 -4.25
N PRO A 122 -9.73 4.41 -3.89
CA PRO A 122 -10.47 3.54 -4.81
C PRO A 122 -11.80 4.17 -5.17
N SER A 123 -12.23 3.98 -6.43
CA SER A 123 -13.49 4.54 -6.87
C SER A 123 -14.65 4.06 -5.99
N GLU A 124 -14.62 2.79 -5.58
CA GLU A 124 -15.70 2.26 -4.75
C GLU A 124 -15.87 3.09 -3.49
N GLU A 125 -14.76 3.47 -2.86
CA GLU A 125 -14.84 4.23 -1.61
C GLU A 125 -15.41 5.61 -1.87
N LEU A 126 -15.07 6.22 -3.01
CA LEU A 126 -15.67 7.50 -3.35
C LEU A 126 -17.19 7.40 -3.44
N ALA A 127 -17.70 6.24 -3.87
CA ALA A 127 -19.15 6.04 -3.96
C ALA A 127 -19.76 5.74 -2.59
N LEU A 128 -18.98 5.10 -1.71
CA LEU A 128 -19.46 4.89 -0.35
C LEU A 128 -19.81 6.22 0.31
N ASN A 129 -18.95 7.23 0.17
CA ASN A 129 -19.16 8.59 0.67
C ASN A 129 -18.98 8.70 2.17
N GLU A 130 -18.24 7.80 2.80
CA GLU A 130 -17.95 7.91 4.21
C GLU A 130 -16.49 8.31 4.34
N LEU A 131 -15.56 7.37 4.45
CA LEU A 131 -14.14 7.66 4.45
C LEU A 131 -13.50 7.14 3.16
N VAL A 132 -12.44 7.82 2.74
CA VAL A 132 -11.66 7.43 1.57
C VAL A 132 -10.22 7.21 2.01
N THR A 133 -9.57 6.22 1.40
CA THR A 133 -8.21 5.84 1.78
C THR A 133 -7.21 6.42 0.79
N LEU A 134 -6.24 7.17 1.31
CA LEU A 134 -5.10 7.64 0.54
C LEU A 134 -3.92 6.74 0.85
N THR A 135 -3.16 6.37 -0.17
CA THR A 135 -2.04 5.45 -0.03
C THR A 135 -0.76 6.13 -0.49
N CYS A 136 0.23 6.16 0.39
CA CYS A 136 1.56 6.63 0.04
C CYS A 136 2.48 5.44 -0.14
N LEU A 137 3.28 5.45 -1.19
CA LEU A 137 4.22 4.37 -1.49
C LEU A 137 5.58 4.99 -1.75
N ALA A 138 6.56 4.62 -0.94
CA ALA A 138 7.97 4.90 -1.18
C ALA A 138 8.66 3.58 -1.47
N ARG A 139 9.35 3.51 -2.61
CA ARG A 139 10.01 2.26 -3.00
C ARG A 139 11.33 2.57 -3.69
N GLY A 140 12.08 1.51 -3.96
CA GLY A 140 13.35 1.64 -4.65
C GLY A 140 14.48 2.21 -3.85
N PHE A 141 14.33 2.36 -2.53
CA PHE A 141 15.32 3.02 -1.69
C PHE A 141 16.13 2.01 -0.89
N SER A 142 17.29 2.48 -0.39
CA SER A 142 18.21 1.71 0.43
C SER A 142 19.12 2.72 1.11
N PRO A 143 19.38 2.60 2.42
CA PRO A 143 18.90 1.53 3.30
C PRO A 143 17.43 1.64 3.70
N LYS A 144 16.99 0.69 4.53
CA LYS A 144 15.56 0.51 4.74
C LYS A 144 14.99 1.59 5.64
N ASP A 145 15.86 2.35 6.31
CA ASP A 145 15.40 3.35 7.28
C ASP A 145 14.73 4.51 6.55
N VAL A 146 13.51 4.85 6.99
CA VAL A 146 12.70 5.86 6.31
C VAL A 146 11.71 6.44 7.31
N LEU A 147 11.31 7.68 7.07
CA LEU A 147 10.26 8.34 7.82
C LEU A 147 9.09 8.64 6.89
N VAL A 148 7.88 8.65 7.45
CA VAL A 148 6.68 8.98 6.69
C VAL A 148 5.78 9.88 7.53
N ARG A 149 5.40 11.03 6.96
CA ARG A 149 4.49 11.97 7.62
C ARG A 149 3.40 12.36 6.64
N TRP A 150 2.28 12.84 7.16
CA TRP A 150 1.14 13.22 6.33
C TRP A 150 0.77 14.67 6.59
N LEU A 151 0.35 15.36 5.53
CA LEU A 151 -0.23 16.68 5.69
C LEU A 151 -1.61 16.70 5.02
N GLN A 152 -2.51 17.50 5.57
CA GLN A 152 -3.75 17.90 4.92
C GLN A 152 -3.68 19.40 4.71
N GLY A 153 -3.76 19.84 3.46
CA GLY A 153 -3.39 21.21 3.17
C GLY A 153 -1.93 21.40 3.52
N SER A 154 -1.62 22.47 4.25
CA SER A 154 -0.28 22.71 4.77
C SER A 154 -0.15 22.32 6.24
N GLN A 155 -1.15 21.66 6.80
CA GLN A 155 -1.17 21.26 8.21
C GLN A 155 -0.79 19.80 8.33
N GLU A 156 0.19 19.51 9.17
CA GLU A 156 0.61 18.14 9.40
C GLU A 156 -0.44 17.39 10.23
N LEU A 157 -0.69 16.16 9.85
CA LEU A 157 -1.67 15.36 10.57
C LEU A 157 -1.00 14.61 11.72
N PRO A 158 -1.70 14.40 12.83
CA PRO A 158 -1.11 13.66 13.94
C PRO A 158 -0.85 12.22 13.54
N ARG A 159 0.18 11.62 14.17
CA ARG A 159 0.53 10.25 13.83
C ARG A 159 -0.67 9.31 13.96
N GLU A 160 -1.60 9.62 14.85
CA GLU A 160 -2.68 8.69 15.18
C GLU A 160 -3.68 8.51 14.05
N LYS A 161 -3.60 9.31 13.01
CA LYS A 161 -4.56 9.25 11.92
C LYS A 161 -4.09 8.51 10.69
N TYR A 162 -2.95 7.82 10.79
CA TYR A 162 -2.50 7.01 9.69
C TYR A 162 -1.63 5.88 10.21
N LEU A 163 -1.34 4.97 9.28
CA LEU A 163 -0.72 3.69 9.57
C LEU A 163 0.42 3.48 8.59
N THR A 164 1.63 3.36 9.10
CA THR A 164 2.81 3.17 8.27
C THR A 164 3.35 1.76 8.51
N TRP A 165 3.41 0.96 7.47
CA TRP A 165 3.93 -0.39 7.60
C TRP A 165 5.45 -0.35 7.74
N ALA A 166 6.02 -1.50 8.11
CA ALA A 166 7.47 -1.61 8.24
C ALA A 166 8.13 -1.60 6.86
N SER A 167 9.34 -1.04 6.82
CA SER A 167 10.14 -1.02 5.59
C SER A 167 10.55 -2.45 5.26
N ARG A 168 10.19 -2.92 4.07
CA ARG A 168 10.42 -4.29 3.68
C ARG A 168 11.10 -4.37 2.32
N GLN A 169 11.87 -5.43 2.13
CA GLN A 169 12.67 -5.60 0.94
C GLN A 169 11.80 -5.97 -0.26
N GLU A 170 12.11 -5.36 -1.39
CA GLU A 170 11.34 -5.55 -2.60
C GLU A 170 11.71 -6.86 -3.30
N PRO A 171 10.80 -7.40 -4.12
CA PRO A 171 11.21 -8.46 -5.05
C PRO A 171 12.10 -7.87 -6.14
N SER A 172 13.28 -8.44 -6.31
CA SER A 172 14.23 -7.87 -7.25
C SER A 172 15.28 -8.90 -7.64
N GLN A 173 15.49 -9.05 -8.96
CA GLN A 173 16.65 -9.77 -9.47
C GLN A 173 17.77 -8.76 -9.61
N GLY A 174 18.67 -8.74 -8.62
CA GLY A 174 19.74 -7.77 -8.62
C GLY A 174 19.95 -7.13 -7.27
N THR A 175 20.14 -5.81 -7.26
CA THR A 175 20.54 -5.13 -6.05
C THR A 175 19.32 -4.95 -5.14
N THR A 176 19.57 -4.83 -3.84
CA THR A 176 18.49 -4.82 -2.86
C THR A 176 17.92 -3.42 -2.67
N THR A 177 16.59 -3.31 -2.76
CA THR A 177 15.88 -2.07 -2.51
C THR A 177 14.72 -2.37 -1.56
N PHE A 178 14.21 -1.32 -0.92
CA PHE A 178 13.15 -1.46 0.06
C PHE A 178 11.94 -0.63 -0.34
N PHE A 179 10.82 -0.93 0.29
CA PHE A 179 9.59 -0.20 0.07
C PHE A 179 8.82 -0.07 1.37
N VAL A 180 7.95 0.93 1.42
CA VAL A 180 7.09 1.16 2.58
C VAL A 180 5.79 1.76 2.08
N TYR A 181 4.68 1.32 2.67
CA TYR A 181 3.35 1.87 2.43
C TYR A 181 2.88 2.63 3.66
N SER A 182 1.99 3.59 3.44
CA SER A 182 1.27 4.28 4.50
C SER A 182 -0.11 4.62 3.96
N ILE A 183 -1.16 4.29 4.73
CA ILE A 183 -2.52 4.65 4.39
C ILE A 183 -3.03 5.67 5.38
N LEU A 184 -3.64 6.72 4.86
CA LEU A 184 -4.35 7.74 5.63
C LEU A 184 -5.79 7.74 5.15
N ARG A 185 -6.73 7.52 6.08
CA ARG A 185 -8.15 7.56 5.77
C ARG A 185 -8.73 8.89 6.22
N VAL A 186 -9.41 9.58 5.30
CA VAL A 186 -9.95 10.91 5.56
C VAL A 186 -11.41 10.94 5.15
N ALA A 187 -12.10 12.01 5.53
CA ALA A 187 -13.51 12.16 5.23
C ALA A 187 -13.71 12.33 3.72
N ALA A 188 -14.67 11.60 3.15
CA ALA A 188 -14.97 11.73 1.74
C ALA A 188 -15.24 13.18 1.36
N GLU A 189 -15.95 13.91 2.23
CA GLU A 189 -16.27 15.30 1.92
C GLU A 189 -15.01 16.13 1.72
N ASP A 190 -14.01 15.94 2.58
CA ASP A 190 -12.77 16.71 2.43
C ASP A 190 -12.11 16.45 1.09
N TRP A 191 -12.08 15.18 0.67
CA TRP A 191 -11.48 14.86 -0.62
C TRP A 191 -12.27 15.49 -1.76
N LYS A 192 -13.60 15.43 -1.69
CA LYS A 192 -14.42 15.89 -2.79
C LYS A 192 -14.55 17.41 -2.83
N LYS A 193 -14.37 18.08 -1.69
CA LYS A 193 -14.40 19.54 -1.71
C LYS A 193 -13.13 20.13 -2.32
N GLY A 194 -12.07 19.33 -2.42
CA GLY A 194 -10.95 19.67 -3.26
C GLY A 194 -9.68 20.11 -2.57
N ASP A 195 -9.53 19.89 -1.27
CA ASP A 195 -8.30 20.28 -0.60
C ASP A 195 -7.26 19.19 -0.74
N THR A 196 -6.00 19.59 -0.64
CA THR A 196 -4.89 18.71 -0.99
C THR A 196 -4.48 17.83 0.18
N PHE A 197 -3.70 16.80 -0.14
CA PHE A 197 -3.12 15.89 0.83
C PHE A 197 -1.71 15.57 0.36
N SER A 198 -0.80 15.39 1.31
CA SER A 198 0.60 15.21 0.97
C SER A 198 1.20 14.11 1.84
N CYS A 199 2.02 13.28 1.22
CA CYS A 199 2.87 12.32 1.92
C CYS A 199 4.30 12.85 1.89
N MET A 200 4.93 12.93 3.06
CA MET A 200 6.29 13.41 3.19
C MET A 200 7.19 12.27 3.64
N VAL A 201 8.31 12.09 2.94
CA VAL A 201 9.20 10.95 3.15
C VAL A 201 10.59 11.47 3.47
N GLY A 202 11.16 10.97 4.57
CA GLY A 202 12.52 11.28 4.95
C GLY A 202 13.40 10.06 4.73
N HIS A 203 14.55 10.29 4.10
CA HIS A 203 15.49 9.22 3.78
C HIS A 203 16.85 9.87 3.51
N GLU A 204 17.91 9.20 3.98
CA GLU A 204 19.23 9.80 3.91
C GLU A 204 19.72 9.99 2.47
N ALA A 205 19.15 9.27 1.51
CA ALA A 205 19.59 9.38 0.13
C ALA A 205 18.88 10.49 -0.63
N LEU A 206 17.87 11.13 -0.04
CA LEU A 206 17.20 12.23 -0.71
C LEU A 206 18.08 13.48 -0.68
N PRO A 207 18.05 14.31 -1.74
CA PRO A 207 18.95 15.49 -1.76
C PRO A 207 18.71 16.43 -0.59
N LEU A 208 17.45 16.78 -0.34
CA LEU A 208 17.09 17.67 0.76
C LEU A 208 16.68 16.91 2.01
N ALA A 209 16.98 15.62 2.09
CA ALA A 209 16.67 14.78 3.25
C ALA A 209 15.20 14.39 3.26
N PHE A 210 14.33 15.32 2.87
CA PHE A 210 12.92 15.05 2.77
C PHE A 210 12.45 15.31 1.35
N THR A 211 11.37 14.63 0.96
CA THR A 211 10.65 14.96 -0.26
C THR A 211 9.16 14.80 0.00
N GLN A 212 8.36 15.27 -0.95
CA GLN A 212 6.92 15.38 -0.77
C GLN A 212 6.21 15.15 -2.09
N LYS A 213 5.06 14.47 -2.02
CA LYS A 213 4.14 14.36 -3.13
C LYS A 213 2.77 14.83 -2.67
N THR A 214 2.06 15.56 -3.54
CA THR A 214 0.78 16.15 -3.20
C THR A 214 -0.26 15.73 -4.23
N ILE A 215 -1.52 15.63 -3.78
CA ILE A 215 -2.58 15.06 -4.59
C ILE A 215 -3.90 15.75 -4.26
N ASP A 216 -4.79 15.76 -5.25
CA ASP A 216 -6.18 16.16 -5.07
C ASP A 216 -6.95 15.69 -6.31
N ARG A 217 -8.26 15.80 -6.24
CA ARG A 217 -9.13 15.27 -7.28
C ARG A 217 -8.86 15.89 -8.65
N CYS B 9 15.74 -20.06 32.87
CA CYS B 9 14.67 -20.61 32.04
C CYS B 9 13.36 -20.67 32.82
N HIS B 10 12.30 -20.10 32.25
CA HIS B 10 11.00 -20.04 32.91
C HIS B 10 9.93 -20.66 32.02
N PRO B 11 9.24 -21.72 32.46
CA PRO B 11 8.29 -22.40 31.58
C PRO B 11 7.08 -21.54 31.26
N ARG B 12 6.63 -21.61 30.00
CA ARG B 12 5.42 -20.94 29.56
C ARG B 12 4.70 -21.81 28.53
N LEU B 13 3.37 -21.81 28.60
CA LEU B 13 2.53 -22.56 27.68
C LEU B 13 1.81 -21.62 26.74
N SER B 14 1.77 -21.97 25.45
CA SER B 14 1.13 -21.14 24.44
C SER B 14 0.37 -22.02 23.48
N LEU B 15 -0.88 -21.63 23.19
CA LEU B 15 -1.77 -22.34 22.27
C LEU B 15 -1.99 -21.47 21.04
N HIS B 16 -1.52 -21.96 19.89
CA HIS B 16 -1.55 -21.20 18.64
C HIS B 16 -2.62 -21.76 17.71
N ARG B 17 -3.30 -20.86 17.00
CA ARG B 17 -4.43 -21.23 16.18
C ARG B 17 -3.98 -21.94 14.91
N PRO B 18 -4.92 -22.60 14.21
CA PRO B 18 -4.57 -23.18 12.91
C PRO B 18 -4.20 -22.09 11.91
N ALA B 19 -3.16 -22.37 11.12
CA ALA B 19 -2.76 -21.42 10.07
C ALA B 19 -3.90 -21.21 9.09
N LEU B 20 -4.16 -19.95 8.74
CA LEU B 20 -5.23 -19.66 7.78
C LEU B 20 -4.98 -20.36 6.46
N GLU B 21 -3.72 -20.43 6.02
CA GLU B 21 -3.40 -21.06 4.76
C GLU B 21 -3.80 -22.54 4.75
N ASP B 22 -3.75 -23.19 5.92
CA ASP B 22 -4.15 -24.58 5.99
C ASP B 22 -5.67 -24.72 6.02
N LEU B 23 -6.36 -23.80 6.70
CA LEU B 23 -7.81 -23.91 6.78
C LEU B 23 -8.45 -23.67 5.43
N LEU B 24 -7.89 -22.77 4.62
CA LEU B 24 -8.52 -22.37 3.38
C LEU B 24 -7.99 -23.11 2.16
N LEU B 25 -6.80 -23.70 2.24
CA LEU B 25 -6.19 -24.31 1.07
C LEU B 25 -5.56 -25.67 1.35
N GLY B 26 -5.55 -26.14 2.60
CA GLY B 26 -4.99 -27.44 2.93
C GLY B 26 -6.05 -28.43 3.37
N SER B 27 -5.62 -29.69 3.43
CA SER B 27 -6.44 -30.75 3.99
C SER B 27 -6.29 -30.87 5.50
N GLU B 28 -5.14 -30.47 6.03
CA GLU B 28 -4.73 -30.79 7.40
C GLU B 28 -4.35 -29.48 8.09
N ALA B 29 -5.29 -28.85 8.76
CA ALA B 29 -4.99 -27.70 9.61
C ALA B 29 -4.90 -28.19 11.05
N ASN B 30 -4.07 -27.53 11.85
CA ASN B 30 -3.87 -28.04 13.21
C ASN B 30 -3.60 -26.91 14.20
N LEU B 31 -3.90 -27.19 15.46
CA LEU B 31 -3.50 -26.30 16.54
C LEU B 31 -2.18 -26.78 17.14
N THR B 32 -1.37 -25.82 17.59
CA THR B 32 -0.08 -26.10 18.19
C THR B 32 -0.06 -25.58 19.62
N CYS B 33 0.28 -26.45 20.56
CA CYS B 33 0.46 -26.09 21.97
C CYS B 33 1.93 -26.23 22.30
N THR B 34 2.58 -25.14 22.70
CA THR B 34 4.02 -25.13 22.89
C THR B 34 4.36 -24.81 24.34
N LEU B 35 5.21 -25.63 24.95
CA LEU B 35 5.74 -25.41 26.28
C LEU B 35 7.19 -24.98 26.13
N THR B 36 7.45 -23.70 26.33
CA THR B 36 8.79 -23.16 26.19
C THR B 36 9.45 -23.01 27.57
N GLY B 37 10.69 -22.55 27.56
CA GLY B 37 11.39 -22.25 28.81
C GLY B 37 11.66 -23.46 29.66
N LEU B 38 12.07 -24.57 29.05
CA LEU B 38 12.36 -25.79 29.77
C LEU B 38 13.86 -26.00 29.90
N ARG B 39 14.28 -26.53 31.05
CA ARG B 39 15.67 -26.88 31.27
C ARG B 39 15.98 -28.26 30.70
N ASP B 40 15.03 -29.20 30.84
CA ASP B 40 15.09 -30.50 30.20
C ASP B 40 13.72 -30.79 29.61
N ALA B 41 13.67 -30.96 28.28
CA ALA B 41 12.39 -30.97 27.59
C ALA B 41 11.67 -32.32 27.62
N SER B 42 12.32 -33.39 28.08
CA SER B 42 11.64 -34.66 28.20
C SER B 42 10.69 -34.65 29.39
N GLY B 43 9.68 -35.52 29.33
CA GLY B 43 8.75 -35.68 30.43
C GLY B 43 7.51 -34.83 30.36
N ALA B 44 7.20 -34.23 29.22
CA ALA B 44 6.01 -33.40 29.07
C ALA B 44 4.83 -34.26 28.66
N THR B 45 3.66 -33.96 29.26
CA THR B 45 2.40 -34.61 28.92
C THR B 45 1.41 -33.54 28.51
N PHE B 46 0.77 -33.75 27.36
CA PHE B 46 -0.21 -32.80 26.84
C PHE B 46 -1.57 -33.47 26.78
N THR B 47 -2.58 -32.82 27.37
CA THR B 47 -3.95 -33.31 27.35
C THR B 47 -4.81 -32.30 26.61
N TRP B 48 -5.44 -32.72 25.52
CA TRP B 48 -6.20 -31.83 24.66
C TRP B 48 -7.70 -32.00 24.88
N THR B 49 -8.44 -30.91 24.61
CA THR B 49 -9.89 -30.89 24.69
C THR B 49 -10.34 -30.04 23.49
N PRO B 50 -11.31 -30.51 22.68
CA PRO B 50 -11.99 -31.81 22.73
C PRO B 50 -11.07 -32.98 22.38
N SER B 51 -11.36 -34.16 22.93
CA SER B 51 -10.57 -35.36 22.68
C SER B 51 -11.39 -36.31 21.82
N SER B 52 -11.45 -36.01 20.52
CA SER B 52 -12.23 -36.82 19.59
C SER B 52 -11.77 -36.62 18.16
N GLY B 53 -10.48 -36.34 17.97
CA GLY B 53 -9.91 -36.19 16.64
C GLY B 53 -8.73 -37.11 16.43
N LYS B 54 -7.90 -36.81 15.44
CA LYS B 54 -6.67 -37.58 15.24
C LYS B 54 -5.77 -37.45 16.47
N SER B 55 -4.83 -38.39 16.60
CA SER B 55 -3.93 -38.38 17.74
C SER B 55 -3.04 -37.13 17.71
N ALA B 56 -2.77 -36.59 18.89
CA ALA B 56 -1.80 -35.51 19.02
C ALA B 56 -0.41 -36.05 18.75
N VAL B 57 0.45 -35.21 18.18
CA VAL B 57 1.82 -35.56 17.86
C VAL B 57 2.74 -34.57 18.55
N GLN B 58 3.48 -35.04 19.54
CA GLN B 58 4.45 -34.21 20.24
C GLN B 58 5.76 -34.16 19.47
N GLY B 59 6.23 -32.96 19.18
CA GLY B 59 7.43 -32.78 18.41
C GLY B 59 8.67 -33.03 19.23
N PRO B 60 9.81 -33.15 18.55
CA PRO B 60 11.08 -33.34 19.25
C PRO B 60 11.48 -32.07 19.99
N PRO B 61 12.27 -32.18 21.06
CA PRO B 61 12.70 -30.99 21.80
C PRO B 61 13.29 -29.95 20.86
N GLU B 62 13.05 -28.68 21.17
CA GLU B 62 13.51 -27.57 20.36
C GLU B 62 14.12 -26.50 21.27
N ARG B 63 15.09 -25.78 20.74
CA ARG B 63 15.64 -24.63 21.43
C ARG B 63 14.75 -23.42 21.21
N ASP B 64 14.49 -22.67 22.28
CA ASP B 64 13.75 -21.41 22.16
C ASP B 64 14.75 -20.26 22.16
N LEU B 65 14.23 -19.03 22.21
CA LEU B 65 15.06 -17.87 21.91
C LEU B 65 15.95 -17.43 23.07
N CYS B 66 16.49 -18.39 23.81
CA CYS B 66 17.32 -18.06 24.97
C CYS B 66 18.01 -19.29 25.54
N GLY B 67 18.30 -20.26 24.68
CA GLY B 67 19.03 -21.44 25.09
C GLY B 67 18.24 -22.42 25.92
N CYS B 68 16.95 -22.17 26.15
CA CYS B 68 16.10 -23.12 26.85
C CYS B 68 15.47 -24.10 25.87
N TYR B 69 14.82 -25.11 26.41
CA TYR B 69 14.22 -26.17 25.61
C TYR B 69 12.73 -25.93 25.42
N SER B 70 12.24 -26.33 24.25
CA SER B 70 10.84 -26.19 23.89
C SER B 70 10.33 -27.49 23.31
N VAL B 71 9.11 -27.85 23.69
CA VAL B 71 8.41 -29.01 23.13
C VAL B 71 6.98 -28.57 22.85
N SER B 72 6.43 -29.04 21.74
CA SER B 72 5.09 -28.68 21.33
C SER B 72 4.30 -29.91 20.91
N SER B 73 3.00 -29.88 21.20
CA SER B 73 2.05 -30.88 20.76
C SER B 73 1.14 -30.26 19.71
N VAL B 74 1.01 -30.92 18.56
CA VAL B 74 0.13 -30.46 17.49
C VAL B 74 -1.10 -31.36 17.46
N LEU B 75 -2.28 -30.76 17.36
CA LEU B 75 -3.52 -31.50 17.26
C LEU B 75 -3.99 -31.47 15.80
N PRO B 76 -3.71 -32.49 15.01
CA PRO B 76 -4.11 -32.47 13.60
C PRO B 76 -5.60 -32.76 13.43
N GLY B 77 -6.09 -32.48 12.22
CA GLY B 77 -7.50 -32.73 11.93
C GLY B 77 -8.42 -31.90 12.79
N SER B 78 -8.03 -30.65 13.04
CA SER B 78 -8.66 -29.71 13.96
C SER B 78 -9.54 -28.70 13.24
N ALA B 79 -9.49 -28.71 11.92
CA ALA B 79 -10.20 -27.72 11.13
C ALA B 79 -11.70 -27.83 11.32
N GLN B 80 -12.20 -29.06 11.43
CA GLN B 80 -13.64 -29.27 11.61
C GLN B 80 -14.13 -28.67 12.92
N PRO B 81 -13.60 -29.07 14.09
CA PRO B 81 -14.10 -28.45 15.34
C PRO B 81 -13.73 -26.98 15.48
N TRP B 82 -12.61 -26.55 14.90
CA TRP B 82 -12.27 -25.13 14.91
C TRP B 82 -13.33 -24.32 14.19
N ASN B 83 -13.73 -24.75 13.00
CA ASN B 83 -14.75 -24.05 12.24
C ASN B 83 -16.13 -24.23 12.85
N HIS B 84 -16.35 -25.28 13.64
CA HIS B 84 -17.62 -25.47 14.32
C HIS B 84 -17.79 -24.54 15.51
N GLY B 85 -16.71 -23.91 15.97
CA GLY B 85 -16.76 -23.02 17.11
C GLY B 85 -16.36 -23.62 18.42
N GLU B 86 -15.94 -24.88 18.45
CA GLU B 86 -15.50 -25.50 19.69
C GLU B 86 -14.30 -24.75 20.26
N THR B 87 -14.22 -24.66 21.58
CA THR B 87 -13.06 -24.06 22.24
C THR B 87 -12.08 -25.18 22.58
N PHE B 88 -10.80 -24.96 22.29
CA PHE B 88 -9.75 -25.93 22.57
C PHE B 88 -9.00 -25.52 23.83
N THR B 89 -8.85 -26.47 24.76
CA THR B 89 -8.01 -26.28 25.93
C THR B 89 -6.86 -27.28 25.87
N CYS B 90 -5.65 -26.79 26.10
CA CYS B 90 -4.46 -27.62 26.14
C CYS B 90 -3.87 -27.55 27.53
N THR B 91 -3.69 -28.70 28.16
CA THR B 91 -3.09 -28.79 29.49
C THR B 91 -1.74 -29.49 29.38
N ALA B 92 -0.73 -28.93 30.02
CA ALA B 92 0.64 -29.44 29.95
C ALA B 92 1.13 -29.73 31.36
N ALA B 93 1.74 -30.91 31.53
CA ALA B 93 2.40 -31.30 32.76
C ALA B 93 3.87 -31.54 32.47
N HIS B 94 4.73 -31.19 33.43
CA HIS B 94 6.16 -31.30 33.26
C HIS B 94 6.79 -31.32 34.64
N PRO B 95 7.88 -32.07 34.85
CA PRO B 95 8.52 -32.06 36.18
C PRO B 95 8.93 -30.66 36.63
N GLU B 96 9.26 -29.77 35.69
CA GLU B 96 9.66 -28.41 36.02
C GLU B 96 8.47 -27.49 36.30
N LEU B 97 7.28 -28.06 36.50
CA LEU B 97 6.09 -27.30 36.82
C LEU B 97 5.51 -27.81 38.13
N LYS B 98 5.24 -26.89 39.06
CA LYS B 98 4.61 -27.28 40.31
C LYS B 98 3.21 -27.85 40.05
N THR B 99 2.49 -27.27 39.09
CA THR B 99 1.13 -27.65 38.74
C THR B 99 0.95 -27.50 37.24
N PRO B 100 0.05 -28.27 36.63
CA PRO B 100 -0.11 -28.21 35.18
C PRO B 100 -0.63 -26.86 34.71
N LEU B 101 -0.17 -26.44 33.54
CA LEU B 101 -0.59 -25.19 32.92
C LEU B 101 -1.68 -25.46 31.88
N THR B 102 -2.57 -24.48 31.73
CA THR B 102 -3.69 -24.59 30.81
C THR B 102 -3.74 -23.36 29.90
N ALA B 103 -4.02 -23.60 28.62
CA ALA B 103 -4.22 -22.56 27.62
C ALA B 103 -5.48 -22.88 26.83
N THR B 104 -6.21 -21.83 26.46
CA THR B 104 -7.51 -21.98 25.82
C THR B 104 -7.59 -21.07 24.59
N LEU B 105 -8.22 -21.59 23.54
CA LEU B 105 -8.33 -20.84 22.29
C LEU B 105 -9.56 -21.32 21.53
N SER B 106 -10.20 -20.40 20.81
CA SER B 106 -11.32 -20.73 19.95
C SER B 106 -11.35 -19.75 18.78
N LYS B 107 -12.07 -20.16 17.73
CA LYS B 107 -12.25 -19.29 16.56
C LYS B 107 -13.02 -18.05 16.95
N SER B 108 -12.49 -16.89 16.57
CA SER B 108 -13.12 -15.63 16.97
C SER B 108 -14.54 -15.52 16.42
N GLY B 109 -15.39 -14.82 17.16
CA GLY B 109 -16.78 -14.68 16.77
C GLY B 109 -17.19 -13.27 16.41
N ASN B 110 -16.34 -12.29 16.72
CA ASN B 110 -16.57 -10.88 16.37
C ASN B 110 -15.63 -10.54 15.23
N THR B 111 -16.05 -10.89 14.02
CA THR B 111 -15.21 -10.82 12.83
C THR B 111 -15.79 -9.84 11.82
N PHE B 112 -14.91 -9.31 10.98
CA PHE B 112 -15.30 -8.44 9.89
C PHE B 112 -14.56 -8.83 8.64
N ARG B 113 -15.26 -8.80 7.51
CA ARG B 113 -14.65 -9.17 6.24
C ARG B 113 -13.80 -8.03 5.71
N PRO B 114 -12.83 -8.34 4.84
CA PRO B 114 -12.00 -7.26 4.28
C PRO B 114 -12.74 -6.49 3.19
N GLU B 115 -12.49 -5.19 3.14
CA GLU B 115 -12.76 -4.39 1.94
C GLU B 115 -11.53 -4.47 1.07
N VAL B 116 -11.67 -5.03 -0.13
CA VAL B 116 -10.53 -5.28 -1.01
C VAL B 116 -10.55 -4.29 -2.16
N HIS B 117 -9.41 -3.65 -2.40
CA HIS B 117 -9.26 -2.64 -3.44
C HIS B 117 -7.94 -2.86 -4.15
N LEU B 118 -7.99 -2.87 -5.48
CA LEU B 118 -6.79 -2.99 -6.32
C LEU B 118 -6.55 -1.65 -6.99
N LEU B 119 -5.42 -1.03 -6.67
CA LEU B 119 -5.17 0.32 -7.15
C LEU B 119 -4.29 0.30 -8.39
N PRO B 120 -4.54 1.19 -9.35
CA PRO B 120 -3.73 1.22 -10.57
C PRO B 120 -2.36 1.83 -10.31
N PRO B 121 -1.45 1.79 -11.29
CA PRO B 121 -0.09 2.27 -11.06
C PRO B 121 -0.05 3.79 -10.92
N PRO B 122 0.96 4.33 -10.24
CA PRO B 122 1.09 5.80 -10.19
C PRO B 122 1.34 6.36 -11.58
N SER B 123 0.71 7.51 -11.86
CA SER B 123 0.82 8.11 -13.19
C SER B 123 2.28 8.24 -13.63
N GLU B 124 3.16 8.62 -12.71
CA GLU B 124 4.57 8.83 -13.07
C GLU B 124 5.16 7.59 -13.73
N GLU B 125 4.91 6.43 -13.14
CA GLU B 125 5.53 5.20 -13.65
C GLU B 125 5.07 4.88 -15.06
N LEU B 126 3.84 5.26 -15.41
CA LEU B 126 3.33 5.01 -16.75
C LEU B 126 4.13 5.74 -17.83
N ALA B 127 5.03 6.64 -17.44
CA ALA B 127 5.88 7.32 -18.40
C ALA B 127 7.23 6.65 -18.58
N LEU B 128 7.61 5.76 -17.65
CA LEU B 128 8.94 5.19 -17.67
C LEU B 128 9.06 3.97 -18.58
N ASN B 129 7.94 3.33 -18.91
CA ASN B 129 7.94 2.18 -19.81
C ASN B 129 8.92 1.11 -19.34
N GLU B 130 9.06 0.98 -18.02
CA GLU B 130 9.89 -0.06 -17.43
C GLU B 130 8.94 -0.97 -16.64
N LEU B 131 8.90 -0.86 -15.32
CA LEU B 131 7.94 -1.57 -14.50
C LEU B 131 6.93 -0.58 -13.92
N VAL B 132 5.73 -1.08 -13.65
CA VAL B 132 4.67 -0.30 -13.00
C VAL B 132 4.21 -1.07 -11.78
N THR B 133 3.83 -0.34 -10.73
CA THR B 133 3.47 -0.95 -9.46
C THR B 133 1.95 -1.02 -9.34
N LEU B 134 1.44 -2.21 -9.06
CA LEU B 134 0.05 -2.42 -8.71
C LEU B 134 -0.04 -2.65 -7.21
N THR B 135 -1.04 -2.06 -6.58
CA THR B 135 -1.17 -2.09 -5.12
C THR B 135 -2.51 -2.70 -4.75
N CYS B 136 -2.48 -3.79 -4.00
CA CYS B 136 -3.68 -4.38 -3.42
C CYS B 136 -3.82 -3.93 -1.97
N LEU B 137 -5.01 -3.44 -1.62
CA LEU B 137 -5.30 -3.00 -0.27
C LEU B 137 -6.49 -3.79 0.26
N ALA B 138 -6.29 -4.46 1.40
CA ALA B 138 -7.36 -5.14 2.12
C ALA B 138 -7.43 -4.50 3.50
N ARG B 139 -8.57 -3.92 3.84
CA ARG B 139 -8.70 -3.20 5.10
C ARG B 139 -10.06 -3.45 5.73
N GLY B 140 -10.14 -3.11 7.01
CA GLY B 140 -11.38 -3.19 7.76
C GLY B 140 -11.74 -4.57 8.26
N PHE B 141 -10.81 -5.52 8.26
CA PHE B 141 -11.12 -6.90 8.60
C PHE B 141 -10.63 -7.23 10.00
N SER B 142 -11.14 -8.36 10.53
CA SER B 142 -10.76 -8.92 11.81
C SER B 142 -11.26 -10.36 11.80
N PRO B 143 -10.48 -11.35 12.28
CA PRO B 143 -9.16 -11.16 12.89
C PRO B 143 -8.05 -10.83 11.89
N LYS B 144 -6.80 -10.87 12.40
CA LYS B 144 -5.68 -10.27 11.66
C LYS B 144 -5.32 -11.11 10.47
N ASP B 145 -5.52 -12.42 10.60
CA ASP B 145 -4.98 -13.37 9.66
C ASP B 145 -5.62 -13.16 8.30
N VAL B 146 -4.79 -13.14 7.26
CA VAL B 146 -5.25 -12.88 5.91
C VAL B 146 -4.26 -13.47 4.93
N LEU B 147 -4.76 -13.87 3.76
CA LEU B 147 -3.94 -14.36 2.67
C LEU B 147 -4.11 -13.45 1.46
N VAL B 148 -3.02 -13.28 0.69
CA VAL B 148 -3.05 -12.45 -0.50
C VAL B 148 -2.29 -13.15 -1.61
N ARG B 149 -2.95 -13.29 -2.77
CA ARG B 149 -2.37 -13.89 -3.95
C ARG B 149 -2.62 -12.97 -5.13
N TRP B 150 -1.82 -13.13 -6.18
CA TRP B 150 -1.94 -12.30 -7.37
C TRP B 150 -2.10 -13.16 -8.61
N LEU B 151 -2.88 -12.66 -9.57
CA LEU B 151 -3.05 -13.32 -10.86
C LEU B 151 -2.85 -12.30 -11.97
N GLN B 152 -2.32 -12.76 -13.10
CA GLN B 152 -2.30 -12.01 -14.34
C GLN B 152 -3.19 -12.76 -15.33
N GLY B 153 -4.25 -12.12 -15.79
CA GLY B 153 -5.26 -12.84 -16.56
C GLY B 153 -5.90 -13.88 -15.66
N SER B 154 -5.77 -15.15 -16.03
CA SER B 154 -6.27 -16.25 -15.22
C SER B 154 -5.14 -17.12 -14.66
N GLN B 155 -3.90 -16.63 -14.70
CA GLN B 155 -2.75 -17.39 -14.24
C GLN B 155 -2.25 -16.81 -12.93
N GLU B 156 -2.04 -17.68 -11.95
CA GLU B 156 -1.52 -17.24 -10.66
C GLU B 156 -0.04 -16.91 -10.77
N LEU B 157 0.35 -15.79 -10.22
CA LEU B 157 1.75 -15.40 -10.23
C LEU B 157 2.50 -16.01 -9.04
N PRO B 158 3.77 -16.35 -9.21
CA PRO B 158 4.55 -16.84 -8.06
C PRO B 158 4.85 -15.72 -7.09
N ARG B 159 5.01 -16.08 -5.82
CA ARG B 159 5.21 -15.08 -4.78
C ARG B 159 6.61 -14.50 -4.78
N GLU B 160 7.49 -14.95 -5.66
CA GLU B 160 8.78 -14.29 -5.81
C GLU B 160 8.62 -12.89 -6.40
N LYS B 161 7.46 -12.58 -6.98
CA LYS B 161 7.28 -11.36 -7.76
C LYS B 161 6.32 -10.37 -7.14
N TYR B 162 5.85 -10.62 -5.93
CA TYR B 162 5.16 -9.62 -5.13
C TYR B 162 5.60 -9.76 -3.68
N VAL B 163 5.36 -8.71 -2.91
CA VAL B 163 5.67 -8.71 -1.48
C VAL B 163 4.46 -8.15 -0.74
N THR B 164 3.98 -8.91 0.24
CA THR B 164 2.84 -8.53 1.05
C THR B 164 3.35 -8.08 2.40
N THR B 165 2.88 -6.92 2.87
CA THR B 165 3.30 -6.40 4.15
C THR B 165 2.56 -7.14 5.28
N ALA B 166 3.06 -7.00 6.49
CA ALA B 166 2.42 -7.62 7.64
C ALA B 166 1.07 -6.97 7.91
N SER B 167 0.14 -7.77 8.43
CA SER B 167 -1.16 -7.27 8.83
C SER B 167 -1.01 -6.38 10.06
N ARG B 168 -1.61 -5.19 10.03
CA ARG B 168 -1.44 -4.21 11.08
C ARG B 168 -2.79 -3.60 11.45
N GLN B 169 -2.88 -3.13 12.69
CA GLN B 169 -4.11 -2.53 13.18
C GLN B 169 -4.32 -1.13 12.60
N GLU B 170 -5.54 -0.86 12.15
CA GLU B 170 -5.87 0.42 11.57
C GLU B 170 -6.03 1.49 12.65
N PRO B 171 -5.81 2.77 12.30
CA PRO B 171 -6.30 3.85 13.15
C PRO B 171 -7.79 3.67 13.38
N SER B 172 -8.19 3.63 14.65
CA SER B 172 -9.52 3.20 15.01
C SER B 172 -10.31 4.33 15.67
N GLN B 173 -11.63 4.21 15.54
CA GLN B 173 -12.64 5.08 16.11
C GLN B 173 -13.62 4.25 16.93
N GLY B 174 -13.10 3.13 17.45
CA GLY B 174 -13.79 2.23 18.33
C GLY B 174 -13.34 0.80 18.11
N THR B 175 -13.89 0.14 17.11
CA THR B 175 -13.64 -1.28 16.90
C THR B 175 -12.29 -1.51 16.21
N THR B 176 -11.59 -2.54 16.67
CA THR B 176 -10.29 -2.88 16.09
C THR B 176 -10.48 -3.57 14.75
N THR B 177 -9.80 -3.05 13.73
CA THR B 177 -9.74 -3.68 12.41
C THR B 177 -8.30 -3.61 11.95
N PHE B 178 -7.98 -4.38 10.92
CA PHE B 178 -6.61 -4.52 10.43
C PHE B 178 -6.56 -4.20 8.94
N ALA B 179 -5.34 -4.09 8.44
CA ALA B 179 -5.12 -3.73 7.04
C ALA B 179 -3.83 -4.39 6.55
N VAL B 180 -3.82 -4.71 5.26
CA VAL B 180 -2.61 -5.19 4.59
C VAL B 180 -2.54 -4.54 3.21
N THR B 181 -1.33 -4.20 2.78
CA THR B 181 -1.06 -3.85 1.39
C THR B 181 -0.14 -4.90 0.79
N SER B 182 -0.24 -5.07 -0.53
CA SER B 182 0.63 -5.98 -1.27
C SER B 182 1.08 -5.31 -2.56
N LEU B 183 2.37 -5.43 -2.85
CA LEU B 183 3.02 -4.74 -3.96
C LEU B 183 3.42 -5.73 -5.04
N LEU B 184 2.82 -5.60 -6.22
CA LEU B 184 3.17 -6.39 -7.39
C LEU B 184 3.68 -5.43 -8.45
N ARG B 185 4.86 -5.71 -9.00
CA ARG B 185 5.45 -4.89 -10.06
C ARG B 185 5.45 -5.70 -11.35
N VAL B 186 4.83 -5.13 -12.38
CA VAL B 186 4.63 -5.81 -13.65
C VAL B 186 5.27 -4.98 -14.76
N ALA B 187 5.56 -5.64 -15.88
CA ALA B 187 6.10 -4.96 -17.04
C ALA B 187 5.12 -3.90 -17.54
N ALA B 188 5.64 -2.73 -17.87
CA ALA B 188 4.78 -1.66 -18.35
C ALA B 188 4.02 -2.07 -19.60
N GLU B 189 4.69 -2.82 -20.48
CA GLU B 189 4.05 -3.17 -21.75
C GLU B 189 2.93 -4.18 -21.56
N ASP B 190 3.08 -5.10 -20.60
CA ASP B 190 1.92 -5.91 -20.22
C ASP B 190 0.78 -5.04 -19.75
N TRP B 191 1.09 -4.01 -18.95
CA TRP B 191 0.02 -3.19 -18.40
C TRP B 191 -0.63 -2.33 -19.47
N LYS B 192 0.18 -1.69 -20.31
CA LYS B 192 -0.46 -0.89 -21.34
C LYS B 192 -1.22 -1.72 -22.39
N LYS B 193 -0.84 -2.99 -22.62
CA LYS B 193 -1.45 -3.76 -23.71
C LYS B 193 -2.91 -4.09 -23.41
N GLY B 194 -3.28 -4.18 -22.14
CA GLY B 194 -4.65 -4.41 -21.78
C GLY B 194 -4.86 -5.62 -20.89
N ASP B 195 -3.77 -6.22 -20.40
CA ASP B 195 -3.92 -7.36 -19.51
C ASP B 195 -4.67 -6.99 -18.25
N THR B 196 -5.40 -7.94 -17.70
CA THR B 196 -6.03 -7.79 -16.39
C THR B 196 -5.13 -8.38 -15.32
N PHE B 197 -5.19 -7.79 -14.13
CA PHE B 197 -4.46 -8.28 -12.97
C PHE B 197 -5.42 -8.36 -11.79
N SER B 198 -5.30 -9.43 -11.02
CA SER B 198 -6.24 -9.71 -9.94
C SER B 198 -5.49 -9.85 -8.63
N CYS B 199 -5.98 -9.17 -7.61
CA CYS B 199 -5.64 -9.47 -6.22
C CYS B 199 -6.69 -10.43 -5.66
N MET B 200 -6.24 -11.54 -5.10
CA MET B 200 -7.12 -12.52 -4.47
C MET B 200 -6.83 -12.54 -2.98
N VAL B 201 -7.86 -12.29 -2.17
CA VAL B 201 -7.70 -12.16 -0.72
C VAL B 201 -8.49 -13.27 -0.04
N GLY B 202 -7.87 -13.93 0.93
CA GLY B 202 -8.52 -14.95 1.73
C GLY B 202 -8.64 -14.52 3.18
N HIS B 203 -9.81 -14.77 3.76
CA HIS B 203 -10.13 -14.31 5.11
C HIS B 203 -11.32 -15.13 5.61
N GLU B 204 -11.31 -15.48 6.90
CA GLU B 204 -12.35 -16.35 7.43
C GLU B 204 -13.72 -15.67 7.49
N ALA B 205 -13.77 -14.35 7.48
CA ALA B 205 -15.05 -13.66 7.47
C ALA B 205 -15.64 -13.50 6.08
N LEU B 206 -14.86 -13.78 5.03
CA LEU B 206 -15.39 -13.66 3.67
C LEU B 206 -16.41 -14.76 3.40
N PRO B 207 -17.51 -14.45 2.71
CA PRO B 207 -18.55 -15.47 2.53
C PRO B 207 -18.04 -16.77 1.91
N LEU B 208 -17.20 -16.68 0.88
CA LEU B 208 -16.65 -17.85 0.21
C LEU B 208 -15.19 -18.09 0.58
N ALA B 209 -14.72 -17.47 1.65
CA ALA B 209 -13.35 -17.60 2.13
C ALA B 209 -12.40 -16.74 1.30
N PHE B 210 -12.63 -16.69 -0.01
CA PHE B 210 -11.81 -15.90 -0.92
C PHE B 210 -12.67 -14.89 -1.65
N THR B 211 -12.05 -13.76 -2.01
CA THR B 211 -12.64 -12.80 -2.92
C THR B 211 -11.56 -12.26 -3.85
N GLN B 212 -11.99 -11.58 -4.91
CA GLN B 212 -11.08 -11.17 -5.97
C GLN B 212 -11.49 -9.82 -6.54
N LYS B 213 -10.52 -8.90 -6.64
CA LYS B 213 -10.63 -7.64 -7.37
C LYS B 213 -9.74 -7.71 -8.60
N THR B 214 -10.29 -7.32 -9.75
CA THR B 214 -9.59 -7.36 -11.03
C THR B 214 -9.50 -5.97 -11.63
N ILE B 215 -8.43 -5.72 -12.39
CA ILE B 215 -8.11 -4.38 -12.86
C ILE B 215 -7.42 -4.44 -14.22
N ASP B 216 -7.66 -3.42 -15.03
CA ASP B 216 -6.91 -3.16 -16.25
C ASP B 216 -7.07 -1.68 -16.56
N ARG B 217 -6.38 -1.22 -17.62
CA ARG B 217 -6.57 0.15 -18.06
C ARG B 217 -8.05 0.38 -18.37
N LEU B 218 -8.71 1.22 -17.58
CA LEU B 218 -10.15 1.45 -17.75
C LEU B 218 -10.52 1.72 -19.21
N HIS C 9 -21.50 4.45 -8.02
CA HIS C 9 -21.73 5.15 -9.28
C HIS C 9 -21.51 3.98 -10.22
N LEU C 10 -20.87 4.16 -11.37
CA LEU C 10 -20.67 3.04 -12.27
C LEU C 10 -19.34 2.33 -12.03
N TYR C 11 -18.79 2.39 -10.81
CA TYR C 11 -17.39 1.99 -10.60
C TYR C 11 -17.16 0.50 -10.80
N ASP C 12 -18.20 -0.33 -10.72
CA ASP C 12 -18.06 -1.77 -10.81
C ASP C 12 -18.72 -2.35 -12.05
N ILE C 13 -18.99 -1.51 -13.06
CA ILE C 13 -19.71 -1.98 -14.24
C ILE C 13 -18.97 -3.13 -14.90
N LYS C 14 -17.63 -3.09 -14.87
CA LYS C 14 -16.85 -4.12 -15.55
C LYS C 14 -16.89 -5.44 -14.78
N ASP C 15 -16.88 -5.37 -13.45
CA ASP C 15 -17.03 -6.59 -12.67
C ASP C 15 -18.37 -7.26 -12.96
N LEU C 16 -19.43 -6.47 -13.13
CA LEU C 16 -20.73 -7.04 -13.44
C LEU C 16 -20.77 -7.61 -14.85
N HIS C 17 -20.10 -6.95 -15.80
CA HIS C 17 -20.06 -7.46 -17.17
C HIS C 17 -19.33 -8.79 -17.24
N ARG C 18 -18.19 -8.91 -16.54
CA ARG C 18 -17.45 -10.17 -16.54
C ARG C 18 -18.29 -11.29 -15.98
N TYR C 19 -18.94 -11.05 -14.83
CA TYR C 19 -19.69 -12.12 -14.15
C TYR C 19 -20.83 -12.62 -15.01
N TYR C 20 -21.69 -11.71 -15.47
CA TYR C 20 -22.90 -12.08 -16.18
C TYR C 20 -22.69 -12.33 -17.67
N SER C 21 -21.45 -12.26 -18.14
CA SER C 21 -21.09 -12.73 -19.47
C SER C 21 -20.24 -13.99 -19.42
N SER C 22 -19.87 -14.44 -18.21
CA SER C 22 -19.06 -15.64 -18.06
C SER C 22 -19.89 -16.88 -18.42
N GLU C 23 -19.19 -18.01 -18.58
CA GLU C 23 -19.85 -19.24 -18.99
C GLU C 23 -20.47 -19.93 -17.79
N SER C 24 -21.74 -20.33 -17.94
CA SER C 24 -22.44 -21.09 -16.93
C SER C 24 -22.56 -22.55 -17.36
N PHE C 25 -22.72 -23.43 -16.39
CA PHE C 25 -22.80 -24.86 -16.62
C PHE C 25 -24.08 -25.39 -15.98
N GLU C 26 -24.83 -26.21 -16.72
CA GLU C 26 -26.00 -26.92 -16.22
C GLU C 26 -25.61 -28.38 -16.05
N PHE C 27 -25.38 -28.80 -14.81
CA PHE C 27 -25.05 -30.19 -14.49
C PHE C 27 -26.27 -30.87 -13.89
N SER C 28 -26.39 -32.17 -14.14
CA SER C 28 -27.46 -32.98 -13.57
C SER C 28 -26.86 -34.24 -12.96
N ASN C 29 -27.64 -34.88 -12.09
CA ASN C 29 -27.22 -36.11 -11.43
C ASN C 29 -25.92 -35.92 -10.64
N ILE C 30 -25.92 -34.93 -9.76
CA ILE C 30 -24.75 -34.60 -8.93
C ILE C 30 -24.98 -35.16 -7.54
N SER C 31 -23.99 -35.89 -7.02
CA SER C 31 -24.01 -36.38 -5.66
C SER C 31 -22.76 -35.90 -4.93
N GLY C 32 -22.87 -35.79 -3.60
CA GLY C 32 -21.75 -35.35 -2.81
C GLY C 32 -22.08 -35.09 -1.36
N LYS C 33 -21.24 -35.58 -0.46
CA LYS C 33 -21.42 -35.32 0.96
C LYS C 33 -21.09 -33.87 1.29
N VAL C 34 -21.79 -33.33 2.27
CA VAL C 34 -21.50 -31.98 2.74
C VAL C 34 -20.23 -32.00 3.57
N GLU C 35 -19.35 -31.03 3.32
CA GLU C 35 -18.15 -30.84 4.11
C GLU C 35 -18.16 -29.44 4.70
N ASN C 36 -17.49 -29.28 5.84
CA ASN C 36 -17.31 -27.97 6.45
C ASN C 36 -16.08 -27.32 5.83
N TYR C 37 -16.27 -26.14 5.23
CA TYR C 37 -15.18 -25.35 4.69
C TYR C 37 -15.33 -23.92 5.20
N ASN C 38 -14.36 -23.47 6.00
CA ASN C 38 -14.38 -22.13 6.57
C ASN C 38 -15.67 -21.89 7.34
N GLY C 39 -16.24 -22.94 7.92
CA GLY C 39 -17.43 -22.83 8.71
C GLY C 39 -18.73 -22.99 7.94
N SER C 40 -18.68 -22.93 6.62
CA SER C 40 -19.89 -23.05 5.80
C SER C 40 -20.00 -24.46 5.21
N ASN C 41 -21.22 -24.81 4.83
CA ASN C 41 -21.52 -26.10 4.22
C ASN C 41 -21.22 -26.03 2.73
N VAL C 42 -20.32 -26.89 2.25
CA VAL C 42 -20.01 -26.98 0.84
C VAL C 42 -20.14 -28.43 0.39
N VAL C 43 -20.37 -28.60 -0.90
CA VAL C 43 -20.35 -29.90 -1.55
C VAL C 43 -19.39 -29.81 -2.71
N ARG C 44 -18.35 -30.63 -2.70
CA ARG C 44 -17.36 -30.67 -3.78
C ARG C 44 -17.71 -31.79 -4.74
N PHE C 45 -17.60 -31.51 -6.04
CA PHE C 45 -17.85 -32.52 -7.06
C PHE C 45 -17.03 -32.15 -8.29
N ASN C 46 -16.72 -33.18 -9.07
CA ASN C 46 -15.94 -33.05 -10.31
C ASN C 46 -16.85 -33.28 -11.50
N GLN C 47 -16.88 -32.32 -12.42
CA GLN C 47 -17.62 -32.44 -13.66
C GLN C 47 -16.80 -31.80 -14.77
N GLU C 48 -16.70 -32.49 -15.91
CA GLU C 48 -16.01 -31.95 -17.08
C GLU C 48 -14.59 -31.49 -16.73
N LYS C 49 -13.86 -32.39 -16.07
CA LYS C 49 -12.45 -32.19 -15.74
C LYS C 49 -12.23 -30.92 -14.92
N GLN C 50 -13.23 -30.53 -14.14
CA GLN C 50 -13.17 -29.33 -13.32
C GLN C 50 -13.67 -29.67 -11.92
N ASN C 51 -12.90 -29.28 -10.90
CA ASN C 51 -13.30 -29.45 -9.52
C ASN C 51 -14.14 -28.25 -9.08
N HIS C 52 -15.29 -28.52 -8.48
CA HIS C 52 -16.22 -27.48 -8.08
C HIS C 52 -16.37 -27.46 -6.56
N GLN C 53 -16.67 -26.27 -6.04
CA GLN C 53 -16.96 -26.05 -4.64
C GLN C 53 -18.30 -25.35 -4.56
N LEU C 54 -19.35 -26.08 -4.18
CA LEU C 54 -20.71 -25.55 -4.14
C LEU C 54 -21.03 -25.12 -2.72
N PHE C 55 -21.34 -23.84 -2.54
CA PHE C 55 -21.68 -23.28 -1.24
C PHE C 55 -23.19 -23.30 -1.03
N LEU C 56 -23.63 -23.86 0.09
CA LEU C 56 -25.03 -23.91 0.48
C LEU C 56 -25.22 -22.87 1.58
N LEU C 57 -25.74 -21.70 1.20
CA LEU C 57 -25.84 -20.57 2.12
C LEU C 57 -27.27 -20.12 2.39
N GLY C 58 -28.19 -20.31 1.44
CA GLY C 58 -29.56 -19.92 1.66
C GLY C 58 -30.28 -20.88 2.59
N GLU C 59 -31.57 -21.10 2.36
CA GLU C 59 -32.29 -22.16 3.05
C GLU C 59 -31.87 -23.54 2.55
N ASP C 60 -31.18 -23.62 1.41
CA ASP C 60 -30.70 -24.89 0.91
C ASP C 60 -29.68 -25.52 1.85
N LYS C 61 -29.06 -24.72 2.73
CA LYS C 61 -28.23 -25.30 3.79
C LYS C 61 -29.03 -26.31 4.60
N ALA C 62 -30.30 -26.00 4.87
CA ALA C 62 -31.18 -26.94 5.56
C ALA C 62 -31.76 -27.97 4.59
N LYS C 63 -32.08 -27.54 3.36
CA LYS C 63 -32.68 -28.46 2.38
C LYS C 63 -31.74 -29.62 2.09
N TYR C 64 -30.46 -29.32 1.83
CA TYR C 64 -29.47 -30.32 1.47
C TYR C 64 -28.51 -30.55 2.63
N LYS C 65 -29.09 -30.92 3.77
CA LYS C 65 -28.32 -31.11 4.99
C LYS C 65 -27.42 -32.33 4.91
N GLN C 66 -27.79 -33.34 4.13
CA GLN C 66 -26.91 -34.48 3.96
C GLN C 66 -25.85 -34.23 2.90
N GLY C 67 -26.18 -33.41 1.89
CA GLY C 67 -25.43 -33.25 0.67
C GLY C 67 -26.36 -33.40 -0.51
N LEU C 68 -25.79 -33.68 -1.68
CA LEU C 68 -26.57 -33.93 -2.88
C LEU C 68 -26.62 -35.43 -3.16
N GLN C 69 -27.76 -35.89 -3.66
CA GLN C 69 -27.94 -37.29 -4.01
C GLN C 69 -28.68 -37.35 -5.34
N GLY C 70 -28.09 -36.75 -6.37
CA GLY C 70 -28.63 -36.81 -7.71
C GLY C 70 -29.36 -35.58 -8.18
N GLN C 71 -29.08 -34.42 -7.60
CA GLN C 71 -29.80 -33.21 -7.96
C GLN C 71 -29.13 -32.52 -9.15
N ASP C 72 -29.89 -31.63 -9.79
CA ASP C 72 -29.36 -30.75 -10.83
C ASP C 72 -28.78 -29.50 -10.19
N VAL C 73 -27.66 -29.03 -10.74
CA VAL C 73 -26.98 -27.85 -10.22
C VAL C 73 -26.70 -26.90 -11.39
N PHE C 74 -26.98 -25.62 -11.18
CA PHE C 74 -26.68 -24.57 -12.15
C PHE C 74 -25.48 -23.79 -11.61
N VAL C 75 -24.33 -23.94 -12.26
CA VAL C 75 -23.06 -23.46 -11.74
C VAL C 75 -22.67 -22.16 -12.44
N VAL C 76 -22.35 -21.15 -11.64
CA VAL C 76 -21.73 -19.91 -12.09
C VAL C 76 -20.48 -19.69 -11.24
N LYS C 77 -19.38 -19.33 -11.88
CA LYS C 77 -18.13 -19.23 -11.14
C LYS C 77 -18.04 -17.88 -10.46
N GLU C 78 -17.91 -17.90 -9.13
CA GLU C 78 -17.54 -16.69 -8.40
C GLU C 78 -16.05 -16.42 -8.53
N LEU C 79 -15.25 -17.48 -8.56
CA LEU C 79 -13.80 -17.41 -8.72
C LEU C 79 -13.26 -18.83 -8.73
N ILE C 80 -12.05 -18.97 -9.28
CA ILE C 80 -11.27 -20.21 -9.16
C ILE C 80 -10.21 -19.96 -8.10
N ASP C 81 -10.32 -20.64 -6.96
CA ASP C 81 -9.37 -20.41 -5.86
C ASP C 81 -7.99 -20.93 -6.21
N PRO C 82 -7.00 -20.74 -5.33
CA PRO C 82 -5.62 -21.12 -5.70
C PRO C 82 -5.41 -22.61 -5.87
N ASN C 83 -6.32 -23.45 -5.38
CA ASN C 83 -6.22 -24.89 -5.61
C ASN C 83 -6.87 -25.34 -6.92
N GLY C 84 -7.41 -24.42 -7.70
CA GLY C 84 -8.06 -24.77 -8.95
C GLY C 84 -9.53 -25.13 -8.83
N ARG C 85 -10.16 -24.92 -7.68
CA ARG C 85 -11.56 -25.27 -7.49
C ARG C 85 -12.44 -24.09 -7.88
N LEU C 86 -13.46 -24.37 -8.69
CA LEU C 86 -14.45 -23.37 -9.06
C LEU C 86 -15.46 -23.23 -7.94
N SER C 87 -15.53 -22.03 -7.36
CA SER C 87 -16.47 -21.74 -6.29
C SER C 87 -17.78 -21.20 -6.89
N THR C 88 -18.89 -21.80 -6.49
CA THR C 88 -20.21 -21.43 -6.99
C THR C 88 -21.19 -21.53 -5.82
N VAL C 89 -22.30 -20.81 -5.93
CA VAL C 89 -23.21 -20.62 -4.81
C VAL C 89 -24.61 -21.01 -5.24
N GLY C 90 -25.21 -21.97 -4.52
CA GLY C 90 -26.59 -22.33 -4.73
C GLY C 90 -26.85 -22.91 -6.10
N GLY C 91 -28.06 -22.65 -6.60
CA GLY C 91 -28.44 -23.14 -7.91
C GLY C 91 -28.82 -24.61 -7.95
N VAL C 92 -29.23 -25.18 -6.82
CA VAL C 92 -29.55 -26.60 -6.73
C VAL C 92 -31.04 -26.78 -6.97
N THR C 93 -31.42 -27.77 -7.79
CA THR C 93 -32.83 -28.01 -8.07
C THR C 93 -33.15 -29.50 -7.99
N LYS C 94 -34.44 -29.82 -8.04
CA LYS C 94 -34.82 -31.18 -7.70
C LYS C 94 -34.18 -32.17 -8.64
N LYS C 95 -34.06 -33.38 -8.11
CA LYS C 95 -33.52 -34.49 -8.85
C LYS C 95 -34.43 -34.96 -9.97
N ASN C 96 -35.75 -34.74 -9.91
CA ASN C 96 -36.57 -35.08 -11.05
C ASN C 96 -36.73 -33.93 -12.05
N SER C 100 -38.25 -31.39 -19.92
CA SER C 100 -38.22 -30.92 -21.30
C SER C 100 -37.96 -29.42 -21.35
N GLU C 101 -37.43 -28.96 -22.48
CA GLU C 101 -37.16 -27.54 -22.64
C GLU C 101 -38.45 -26.73 -22.51
N THR C 102 -38.33 -25.54 -21.91
CA THR C 102 -39.39 -24.55 -21.91
C THR C 102 -38.80 -23.22 -22.35
N ASN C 103 -39.53 -22.49 -23.18
CA ASN C 103 -39.10 -21.17 -23.66
C ASN C 103 -39.83 -20.10 -22.84
N ILE C 104 -39.08 -19.38 -22.00
CA ILE C 104 -39.63 -18.35 -21.14
C ILE C 104 -39.51 -17.01 -21.83
N HIS C 105 -40.61 -16.25 -21.83
CA HIS C 105 -40.69 -14.99 -22.56
C HIS C 105 -40.37 -13.81 -21.65
N LEU C 106 -39.88 -12.73 -22.25
CA LEU C 106 -39.21 -11.67 -21.52
C LEU C 106 -39.44 -10.35 -22.24
N LEU C 107 -40.01 -9.39 -21.53
CA LEU C 107 -40.22 -8.06 -22.06
C LEU C 107 -39.14 -7.13 -21.51
N VAL C 108 -38.45 -6.45 -22.43
CA VAL C 108 -37.33 -5.59 -22.10
C VAL C 108 -37.70 -4.16 -22.49
N ASN C 109 -37.69 -3.25 -21.52
CA ASN C 109 -37.98 -1.84 -21.76
C ASN C 109 -36.67 -1.07 -21.72
N LYS C 110 -36.20 -0.67 -22.89
CA LYS C 110 -34.98 0.13 -23.03
C LYS C 110 -35.32 1.52 -23.55
N LEU C 111 -34.34 2.41 -23.47
CA LEU C 111 -34.49 3.79 -23.91
C LEU C 111 -33.53 4.02 -25.08
N ASP C 112 -34.08 4.04 -26.29
CA ASP C 112 -33.32 4.34 -27.50
C ASP C 112 -33.28 5.86 -27.65
N GLY C 113 -32.39 6.48 -26.89
CA GLY C 113 -32.22 7.92 -26.92
C GLY C 113 -33.41 8.66 -26.35
N GLY C 114 -34.46 8.82 -27.14
CA GLY C 114 -35.66 9.51 -26.70
C GLY C 114 -36.90 8.65 -26.80
N ASN C 115 -36.77 7.46 -27.39
CA ASN C 115 -37.88 6.54 -27.57
C ASN C 115 -37.80 5.43 -26.54
N LEU C 116 -38.91 5.15 -25.88
CA LEU C 116 -39.04 3.87 -25.19
C LEU C 116 -39.26 2.76 -26.21
N ASP C 117 -38.37 1.76 -26.24
CA ASP C 117 -38.48 0.62 -27.14
C ASP C 117 -38.73 -0.62 -26.28
N ALA C 118 -39.92 -1.20 -26.42
CA ALA C 118 -40.25 -2.45 -25.75
C ALA C 118 -39.97 -3.60 -26.70
N THR C 119 -39.20 -4.59 -26.23
CA THR C 119 -38.86 -5.76 -27.02
C THR C 119 -39.35 -7.02 -26.32
N ASN C 120 -39.94 -7.92 -27.09
CA ASN C 120 -40.29 -9.24 -26.60
C ASN C 120 -39.14 -10.19 -26.91
N ASP C 121 -38.59 -10.84 -25.88
CA ASP C 121 -37.45 -11.71 -26.12
C ASP C 121 -37.73 -13.00 -25.35
N SER C 122 -36.78 -13.93 -25.36
CA SER C 122 -36.96 -15.14 -24.58
C SER C 122 -35.65 -15.91 -24.43
N PHE C 123 -35.69 -16.90 -23.53
CA PHE C 123 -34.57 -17.79 -23.28
C PHE C 123 -35.12 -19.13 -22.80
N LEU C 124 -34.30 -20.16 -22.90
CA LEU C 124 -34.75 -21.51 -22.60
C LEU C 124 -34.26 -22.00 -21.23
N ILE C 125 -35.00 -22.94 -20.68
CA ILE C 125 -34.57 -23.71 -19.51
C ILE C 125 -34.94 -25.17 -19.74
N ASN C 126 -34.17 -26.06 -19.13
CA ASN C 126 -34.34 -27.50 -19.34
C ASN C 126 -34.88 -28.22 -18.10
N LYS C 127 -35.70 -27.55 -17.30
CA LYS C 127 -36.18 -28.18 -16.08
C LYS C 127 -37.51 -27.57 -15.64
N GLU C 128 -38.24 -28.35 -14.83
CA GLU C 128 -39.53 -27.92 -14.30
C GLU C 128 -39.34 -26.98 -13.11
N GLU C 129 -38.76 -27.50 -12.04
CA GLU C 129 -38.31 -26.67 -10.92
C GLU C 129 -36.99 -26.02 -11.32
N VAL C 130 -36.95 -24.68 -11.28
CA VAL C 130 -35.79 -23.91 -11.71
C VAL C 130 -35.41 -22.95 -10.60
N SER C 131 -34.10 -22.72 -10.47
CA SER C 131 -33.58 -21.88 -9.40
C SER C 131 -33.58 -20.41 -9.81
N LEU C 132 -33.77 -19.54 -8.82
CA LEU C 132 -33.70 -18.10 -9.10
C LEU C 132 -32.33 -17.71 -9.64
N LYS C 133 -31.27 -18.39 -9.20
CA LYS C 133 -29.94 -18.12 -9.74
C LYS C 133 -29.92 -18.31 -11.25
N GLU C 134 -30.52 -19.40 -11.74
CA GLU C 134 -30.52 -19.66 -13.17
C GLU C 134 -31.30 -18.59 -13.92
N LEU C 135 -32.50 -18.27 -13.44
CA LEU C 135 -33.32 -17.26 -14.12
C LEU C 135 -32.60 -15.93 -14.16
N ASP C 136 -32.07 -15.48 -13.02
CA ASP C 136 -31.39 -14.19 -12.96
C ASP C 136 -30.21 -14.16 -13.93
N PHE C 137 -29.38 -15.21 -13.91
CA PHE C 137 -28.16 -15.20 -14.71
C PHE C 137 -28.48 -15.22 -16.20
N LYS C 138 -29.46 -16.02 -16.62
CA LYS C 138 -29.78 -16.12 -18.03
C LYS C 138 -30.43 -14.84 -18.54
N ILE C 139 -31.35 -14.27 -17.76
CA ILE C 139 -31.94 -12.99 -18.14
C ILE C 139 -30.85 -11.95 -18.33
N ARG C 140 -30.01 -11.76 -17.30
CA ARG C 140 -28.98 -10.74 -17.36
C ARG C 140 -27.98 -10.99 -18.48
N LYS C 141 -27.72 -12.26 -18.80
CA LYS C 141 -26.75 -12.53 -19.86
C LYS C 141 -27.24 -12.01 -21.20
N GLN C 142 -28.54 -12.16 -21.48
CA GLN C 142 -29.05 -11.66 -22.75
C GLN C 142 -29.21 -10.15 -22.72
N LEU C 143 -29.56 -9.58 -21.57
CA LEU C 143 -29.49 -8.14 -21.41
C LEU C 143 -28.08 -7.63 -21.71
N VAL C 144 -27.07 -8.35 -21.24
CA VAL C 144 -25.69 -7.99 -21.56
C VAL C 144 -25.43 -8.16 -23.05
N GLU C 145 -25.83 -9.30 -23.62
CA GLU C 145 -25.41 -9.65 -24.97
C GLU C 145 -26.15 -8.85 -26.02
N LYS C 146 -27.43 -8.55 -25.81
CA LYS C 146 -28.26 -7.96 -26.84
C LYS C 146 -28.71 -6.54 -26.55
N TYR C 147 -28.53 -6.06 -25.32
CA TYR C 147 -29.10 -4.78 -24.92
C TYR C 147 -28.09 -3.84 -24.26
N GLY C 148 -26.81 -4.16 -24.30
CA GLY C 148 -25.80 -3.23 -23.84
C GLY C 148 -25.70 -3.07 -22.34
N LEU C 149 -26.21 -4.04 -21.58
CA LEU C 149 -26.19 -3.93 -20.13
C LEU C 149 -24.79 -4.12 -19.59
N TYR C 150 -24.44 -3.32 -18.58
CA TYR C 150 -23.09 -3.30 -18.03
C TYR C 150 -22.05 -2.94 -19.08
N GLN C 151 -22.45 -2.16 -20.07
CA GLN C 151 -21.55 -1.43 -20.96
C GLN C 151 -21.73 0.06 -20.73
N GLY C 152 -20.66 0.83 -20.90
CA GLY C 152 -20.81 2.28 -20.88
C GLY C 152 -21.52 2.84 -19.66
N THR C 153 -22.82 3.10 -19.80
CA THR C 153 -23.61 3.75 -18.77
C THR C 153 -24.78 2.90 -18.27
N SER C 154 -25.06 1.80 -18.93
CA SER C 154 -26.18 0.95 -18.55
C SER C 154 -25.76 0.02 -17.41
N LYS C 155 -26.37 0.23 -16.25
CA LYS C 155 -26.16 -0.68 -15.12
C LYS C 155 -27.41 -0.89 -14.26
N TYR C 156 -28.33 0.07 -14.20
CA TYR C 156 -29.46 -0.03 -13.29
C TYR C 156 -30.72 -0.41 -14.05
N GLY C 157 -31.75 -0.76 -13.28
CA GLY C 157 -32.98 -1.33 -13.79
C GLY C 157 -33.44 -2.43 -12.86
N LYS C 158 -34.51 -3.11 -13.24
CA LYS C 158 -35.14 -4.13 -12.41
C LYS C 158 -35.65 -5.25 -13.30
N ILE C 159 -35.41 -6.48 -12.85
CA ILE C 159 -36.09 -7.65 -13.37
C ILE C 159 -37.27 -7.90 -12.44
N THR C 160 -38.46 -8.05 -13.01
CA THR C 160 -39.66 -8.38 -12.26
C THR C 160 -40.22 -9.69 -12.79
N ILE C 161 -40.44 -10.64 -11.88
CA ILE C 161 -40.92 -11.98 -12.23
C ILE C 161 -42.29 -12.15 -11.58
N ILE C 162 -43.33 -12.20 -12.41
CA ILE C 162 -44.69 -12.30 -11.92
C ILE C 162 -45.14 -13.74 -12.05
N LEU C 163 -45.94 -14.20 -11.10
CA LEU C 163 -46.33 -15.59 -11.04
C LEU C 163 -47.84 -15.72 -11.07
N ASN C 164 -48.32 -16.80 -11.69
CA ASN C 164 -49.75 -17.06 -11.75
C ASN C 164 -50.38 -16.97 -10.37
N GLY C 165 -51.39 -16.10 -10.24
CA GLY C 165 -52.03 -15.81 -8.97
C GLY C 165 -51.74 -14.41 -8.45
N GLY C 166 -50.61 -13.84 -8.84
CA GLY C 166 -50.26 -12.47 -8.50
C GLY C 166 -48.93 -12.31 -7.79
N LYS C 167 -48.42 -13.36 -7.15
CA LYS C 167 -47.18 -13.24 -6.40
C LYS C 167 -46.04 -12.80 -7.33
N LYS C 168 -45.15 -11.95 -6.80
CA LYS C 168 -44.13 -11.29 -7.59
C LYS C 168 -42.80 -11.28 -6.84
N GLN C 169 -41.72 -11.28 -7.61
CA GLN C 169 -40.37 -11.21 -7.08
C GLN C 169 -39.57 -10.21 -7.92
N GLU C 170 -38.76 -9.41 -7.26
CA GLU C 170 -37.97 -8.38 -7.94
C GLU C 170 -36.48 -8.64 -7.75
N ILE C 171 -35.69 -8.20 -8.72
CA ILE C 171 -34.24 -8.33 -8.68
C ILE C 171 -33.65 -7.02 -9.22
N ASP C 172 -32.89 -6.32 -8.37
CA ASP C 172 -32.25 -5.10 -8.79
C ASP C 172 -31.04 -5.41 -9.65
N LEU C 173 -30.92 -4.72 -10.78
CA LEU C 173 -29.79 -4.95 -11.67
C LEU C 173 -28.50 -4.26 -11.22
N GLY C 174 -28.56 -3.32 -10.26
CA GLY C 174 -27.38 -2.56 -9.90
C GLY C 174 -26.38 -3.36 -9.09
N ASP C 175 -26.81 -4.51 -8.54
CA ASP C 175 -26.11 -5.46 -7.68
C ASP C 175 -26.27 -6.90 -8.19
N LYS C 176 -25.14 -7.60 -8.12
CA LYS C 176 -25.19 -9.03 -8.33
C LYS C 176 -26.29 -9.59 -7.43
N LEU C 177 -26.93 -10.66 -7.89
CA LEU C 177 -27.96 -11.30 -7.08
C LEU C 177 -27.39 -11.72 -5.73
N GLN C 178 -28.12 -11.42 -4.66
CA GLN C 178 -27.67 -11.74 -3.32
C GLN C 178 -27.41 -13.24 -3.19
N PHE C 179 -26.32 -13.59 -2.50
CA PHE C 179 -25.96 -15.00 -2.35
C PHE C 179 -27.08 -15.79 -1.69
N GLU C 180 -27.74 -15.20 -0.68
CA GLU C 180 -28.76 -15.93 0.05
C GLU C 180 -30.00 -16.21 -0.78
N ARG C 181 -30.15 -15.54 -1.93
CA ARG C 181 -31.29 -15.75 -2.81
C ARG C 181 -31.00 -16.75 -3.92
N MET C 182 -29.82 -17.37 -3.92
CA MET C 182 -29.45 -18.28 -4.99
C MET C 182 -29.93 -19.70 -4.75
N GLY C 183 -30.40 -20.01 -3.55
CA GLY C 183 -31.05 -21.28 -3.28
C GLY C 183 -32.55 -21.26 -3.41
N ASP C 184 -33.15 -20.08 -3.59
CA ASP C 184 -34.57 -20.00 -3.86
C ASP C 184 -34.89 -20.72 -5.16
N VAL C 185 -36.10 -21.27 -5.25
CA VAL C 185 -36.47 -22.07 -6.42
C VAL C 185 -37.91 -21.76 -6.81
N LEU C 186 -38.22 -21.97 -8.09
CA LEU C 186 -39.56 -21.74 -8.62
C LEU C 186 -39.96 -22.90 -9.52
N ASN C 187 -41.24 -22.97 -9.85
CA ASN C 187 -41.73 -23.87 -10.89
C ASN C 187 -41.91 -23.09 -12.18
N SER C 188 -41.38 -23.64 -13.28
CA SER C 188 -41.46 -22.96 -14.56
C SER C 188 -42.91 -22.64 -14.95
N LYS C 189 -43.82 -23.60 -14.77
CA LYS C 189 -45.20 -23.44 -15.22
C LYS C 189 -45.95 -22.34 -14.47
N ASP C 190 -45.46 -21.93 -13.31
CA ASP C 190 -46.12 -20.90 -12.51
C ASP C 190 -45.69 -19.49 -12.88
N ILE C 191 -44.81 -19.33 -13.86
CA ILE C 191 -44.32 -18.01 -14.26
C ILE C 191 -45.28 -17.42 -15.28
N ASN C 192 -45.79 -16.23 -14.97
CA ASN C 192 -46.76 -15.55 -15.83
C ASN C 192 -46.06 -14.52 -16.71
N LYS C 193 -45.56 -13.45 -16.12
CA LYS C 193 -44.82 -12.42 -16.83
C LYS C 193 -43.41 -12.33 -16.25
N ILE C 194 -42.48 -11.85 -17.09
CA ILE C 194 -41.15 -11.44 -16.64
C ILE C 194 -40.82 -10.17 -17.43
N GLU C 195 -40.74 -9.04 -16.72
CA GLU C 195 -40.54 -7.74 -17.35
C GLU C 195 -39.25 -7.11 -16.84
N VAL C 196 -38.51 -6.48 -17.75
CA VAL C 196 -37.23 -5.87 -17.43
C VAL C 196 -37.25 -4.42 -17.89
N THR C 197 -36.85 -3.51 -17.02
CA THR C 197 -36.64 -2.11 -17.35
C THR C 197 -35.16 -1.80 -17.21
N LEU C 198 -34.55 -1.32 -18.30
CA LEU C 198 -33.17 -0.86 -18.27
C LEU C 198 -33.18 0.62 -17.90
N LYS C 199 -32.95 0.91 -16.62
CA LYS C 199 -32.87 2.32 -16.19
C LYS C 199 -31.70 3.03 -16.87
N GLN C 200 -32.02 4.23 -17.52
CA GLN C 200 -31.19 5.24 -18.21
C GLN C 200 -30.69 6.19 -17.15
N ILE C 201 -29.35 6.34 -16.97
CA ILE C 201 -28.75 6.82 -15.77
C ILE C 201 -29.05 8.29 -15.61
N VAL D 7 9.43 9.03 -24.33
CA VAL D 7 10.50 9.54 -23.49
C VAL D 7 10.12 10.91 -22.94
N GLN D 8 8.87 11.33 -23.19
CA GLN D 8 8.43 12.67 -22.85
C GLN D 8 6.91 12.61 -22.74
N HIS D 9 6.38 13.23 -21.68
CA HIS D 9 5.05 12.92 -21.16
C HIS D 9 4.49 14.17 -20.48
N LEU D 10 3.29 14.04 -19.91
CA LEU D 10 2.61 15.17 -19.29
C LEU D 10 2.07 14.83 -17.90
N TYR D 11 2.62 13.80 -17.26
CA TYR D 11 2.05 13.30 -16.01
C TYR D 11 2.46 14.12 -14.79
N ASP D 12 3.50 14.94 -14.90
CA ASP D 12 3.95 15.78 -13.79
C ASP D 12 3.57 17.24 -13.99
N ILE D 13 2.59 17.50 -14.85
CA ILE D 13 2.26 18.87 -15.23
C ILE D 13 1.78 19.67 -14.03
N LYS D 14 0.93 19.06 -13.19
CA LYS D 14 0.40 19.78 -12.03
C LYS D 14 1.52 20.17 -11.07
N ASP D 15 2.52 19.30 -10.92
CA ASP D 15 3.62 19.59 -10.00
C ASP D 15 4.43 20.78 -10.48
N LEU D 16 4.80 20.80 -11.76
CA LEU D 16 5.56 21.92 -12.29
C LEU D 16 4.77 23.22 -12.20
N HIS D 17 3.46 23.15 -12.52
CA HIS D 17 2.65 24.36 -12.44
C HIS D 17 2.57 24.88 -11.01
N ARG D 18 2.39 23.97 -10.04
CA ARG D 18 2.36 24.40 -8.64
C ARG D 18 3.67 25.06 -8.23
N TYR D 19 4.80 24.47 -8.62
CA TYR D 19 6.10 24.96 -8.17
C TYR D 19 6.40 26.34 -8.75
N TYR D 20 6.20 26.52 -10.04
CA TYR D 20 6.56 27.75 -10.72
C TYR D 20 5.45 28.80 -10.70
N SER D 21 4.34 28.52 -10.01
CA SER D 21 3.36 29.55 -9.68
C SER D 21 3.40 29.92 -8.20
N SER D 22 4.23 29.25 -7.40
CA SER D 22 4.30 29.51 -5.98
C SER D 22 5.09 30.80 -5.70
N GLU D 23 5.09 31.22 -4.45
CA GLU D 23 5.68 32.50 -4.07
C GLU D 23 7.19 32.37 -3.90
N SER D 24 7.90 33.40 -4.33
CA SER D 24 9.33 33.52 -4.12
C SER D 24 9.63 34.70 -3.21
N PHE D 25 10.83 34.71 -2.64
CA PHE D 25 11.26 35.78 -1.75
C PHE D 25 12.67 36.21 -2.13
N GLU D 26 12.92 37.51 -2.04
CA GLU D 26 14.25 38.09 -2.29
C GLU D 26 14.70 38.75 -1.00
N PHE D 27 15.58 38.08 -0.26
CA PHE D 27 16.03 38.56 1.04
C PHE D 27 17.40 39.22 0.93
N SER D 28 17.59 40.28 1.70
CA SER D 28 18.85 41.00 1.75
C SER D 28 19.56 40.74 3.07
N ASN D 29 20.88 40.93 3.06
CA ASN D 29 21.71 40.85 4.25
C ASN D 29 21.37 39.63 5.10
N ILE D 30 21.59 38.45 4.51
CA ILE D 30 21.38 37.19 5.20
C ILE D 30 22.71 36.68 5.71
N SER D 31 22.74 36.25 6.97
CA SER D 31 23.96 35.74 7.58
C SER D 31 23.66 34.42 8.28
N GLY D 32 24.66 33.56 8.35
CA GLY D 32 24.47 32.28 9.00
C GLY D 32 25.64 31.35 8.77
N LYS D 33 25.87 30.43 9.71
CA LYS D 33 27.09 29.66 9.57
C LYS D 33 26.69 28.37 8.86
N VAL D 34 27.67 27.67 8.29
CA VAL D 34 27.37 26.43 7.57
C VAL D 34 27.26 25.27 8.55
N GLU D 35 26.28 24.40 8.33
CA GLU D 35 26.07 23.24 9.20
C GLU D 35 25.96 21.98 8.35
N ASN D 36 26.31 20.85 8.96
CA ASN D 36 26.15 19.55 8.33
C ASN D 36 24.76 19.03 8.67
N TYR D 37 23.96 18.75 7.64
CA TYR D 37 22.63 18.17 7.78
C TYR D 37 22.52 17.04 6.77
N ASN D 38 22.51 15.80 7.26
CA ASN D 38 22.41 14.63 6.39
C ASN D 38 23.52 14.63 5.34
N GLY D 39 24.73 14.97 5.78
CA GLY D 39 25.87 15.08 4.89
C GLY D 39 25.87 16.31 4.01
N SER D 40 24.82 17.12 4.04
CA SER D 40 24.73 18.31 3.22
C SER D 40 25.23 19.54 3.98
N ASN D 41 25.65 20.54 3.22
CA ASN D 41 26.01 21.85 3.76
C ASN D 41 24.77 22.73 3.72
N VAL D 42 24.30 23.16 4.89
CA VAL D 42 23.11 23.99 4.97
C VAL D 42 23.43 25.24 5.79
N VAL D 43 22.57 26.25 5.61
CA VAL D 43 22.62 27.49 6.38
C VAL D 43 21.21 27.81 6.83
N ARG D 44 20.98 27.77 8.14
CA ARG D 44 19.68 28.08 8.71
C ARG D 44 19.63 29.55 9.09
N PHE D 45 18.56 30.22 8.72
CA PHE D 45 18.38 31.63 9.06
C PHE D 45 16.88 31.91 9.17
N ASN D 46 16.55 32.91 9.97
CA ASN D 46 15.17 33.32 10.21
C ASN D 46 14.92 34.65 9.51
N GLN D 47 13.82 34.71 8.77
CA GLN D 47 13.46 35.91 8.02
C GLN D 47 11.95 35.98 7.93
N GLU D 48 11.38 37.15 8.20
CA GLU D 48 9.92 37.32 8.21
C GLU D 48 9.27 36.29 9.13
N LYS D 49 9.87 36.10 10.31
CA LYS D 49 9.34 35.19 11.34
C LYS D 49 9.08 33.81 10.75
N GLN D 50 10.09 33.29 10.05
CA GLN D 50 10.01 31.98 9.41
C GLN D 50 11.43 31.42 9.35
N ASN D 51 11.59 30.18 9.80
CA ASN D 51 12.89 29.52 9.75
C ASN D 51 13.16 28.96 8.36
N HIS D 52 14.36 29.20 7.85
CA HIS D 52 14.78 28.74 6.54
C HIS D 52 15.94 27.76 6.65
N GLN D 53 16.06 26.88 5.68
CA GLN D 53 17.16 25.92 5.59
C GLN D 53 17.66 25.95 4.15
N LEU D 54 18.71 26.74 3.90
CA LEU D 54 19.30 26.86 2.57
C LEU D 54 20.32 25.75 2.37
N PHE D 55 20.15 24.98 1.29
CA PHE D 55 21.08 23.93 0.90
C PHE D 55 22.07 24.49 -0.10
N LEU D 56 23.35 24.25 0.13
CA LEU D 56 24.42 24.66 -0.77
C LEU D 56 24.95 23.40 -1.45
N LEU D 57 24.56 23.20 -2.70
CA LEU D 57 24.80 21.94 -3.39
C LEU D 57 25.60 22.07 -4.68
N GLY D 58 25.71 23.24 -5.28
CA GLY D 58 26.50 23.38 -6.48
C GLY D 58 27.88 23.92 -6.16
N GLU D 59 28.40 24.81 -7.00
CA GLU D 59 29.63 25.52 -6.65
C GLU D 59 29.40 26.52 -5.53
N ASP D 60 28.14 26.84 -5.22
CA ASP D 60 27.85 27.67 -4.06
C ASP D 60 28.32 27.00 -2.77
N LYS D 61 28.49 25.67 -2.78
CA LYS D 61 29.05 24.99 -1.63
C LYS D 61 30.48 25.43 -1.38
N ALA D 62 31.30 25.41 -2.43
CA ALA D 62 32.68 25.83 -2.26
C ALA D 62 32.76 27.33 -2.02
N LYS D 63 31.78 28.08 -2.51
CA LYS D 63 32.05 29.51 -2.49
C LYS D 63 31.71 30.05 -1.10
N TYR D 64 30.74 29.44 -0.46
CA TYR D 64 30.30 29.87 0.86
C TYR D 64 30.67 28.86 1.92
N LYS D 65 31.93 28.44 1.89
CA LYS D 65 32.48 27.57 2.91
C LYS D 65 32.19 28.09 4.32
N GLN D 66 32.51 29.35 4.57
CA GLN D 66 32.31 29.89 5.90
C GLN D 66 30.83 29.99 6.23
N GLY D 67 30.00 30.28 5.22
CA GLY D 67 28.59 30.55 5.40
C GLY D 67 28.21 31.82 4.67
N LEU D 68 27.08 32.39 5.06
CA LEU D 68 26.61 33.65 4.49
C LEU D 68 26.98 34.78 5.44
N GLN D 69 27.55 35.86 4.89
CA GLN D 69 27.94 37.03 5.65
C GLN D 69 27.30 38.27 5.02
N GLY D 70 25.97 38.32 5.06
CA GLY D 70 25.24 39.45 4.53
C GLY D 70 24.85 39.35 3.07
N GLN D 71 24.77 38.15 2.50
CA GLN D 71 24.52 38.01 1.07
C GLN D 71 23.03 38.20 0.76
N ASP D 72 22.74 38.37 -0.52
CA ASP D 72 21.37 38.36 -1.02
C ASP D 72 20.97 36.93 -1.38
N VAL D 73 19.74 36.56 -1.04
CA VAL D 73 19.27 35.20 -1.22
C VAL D 73 17.89 35.21 -1.88
N PHE D 74 17.76 34.46 -2.97
CA PHE D 74 16.49 34.23 -3.67
C PHE D 74 15.99 32.85 -3.26
N VAL D 75 14.90 32.81 -2.49
CA VAL D 75 14.43 31.56 -1.92
C VAL D 75 13.13 31.14 -2.62
N VAL D 76 12.97 29.83 -2.78
CA VAL D 76 11.73 29.22 -3.26
C VAL D 76 11.49 27.97 -2.43
N LYS D 77 10.26 27.81 -1.95
CA LYS D 77 9.94 26.70 -1.06
C LYS D 77 10.02 25.39 -1.84
N GLU D 78 10.98 24.54 -1.50
CA GLU D 78 10.92 23.15 -1.94
C GLU D 78 9.93 22.37 -1.09
N LEU D 79 9.95 22.61 0.22
CA LEU D 79 8.95 22.06 1.14
C LEU D 79 9.23 22.64 2.52
N ILE D 80 8.26 22.45 3.42
CA ILE D 80 8.39 22.83 4.82
C ILE D 80 8.48 21.54 5.62
N ASP D 81 9.64 21.29 6.22
CA ASP D 81 9.89 20.01 6.88
C ASP D 81 9.11 19.91 8.18
N PRO D 82 9.05 18.72 8.78
CA PRO D 82 8.20 18.54 9.98
C PRO D 82 8.55 19.48 11.11
N ASN D 83 9.73 20.09 11.11
CA ASN D 83 10.11 21.01 12.17
C ASN D 83 9.77 22.46 11.82
N GLY D 84 9.08 22.69 10.71
CA GLY D 84 8.70 24.04 10.32
C GLY D 84 9.72 24.78 9.49
N ARG D 85 10.82 24.14 9.09
CA ARG D 85 11.85 24.81 8.33
C ARG D 85 11.53 24.76 6.84
N LEU D 86 11.67 25.91 6.17
CA LEU D 86 11.51 26.00 4.73
C LEU D 86 12.83 25.64 4.06
N SER D 87 12.82 24.57 3.29
CA SER D 87 14.01 24.10 2.59
C SER D 87 14.08 24.77 1.22
N THR D 88 15.19 25.46 0.95
CA THR D 88 15.40 26.19 -0.28
C THR D 88 16.83 25.90 -0.74
N VAL D 89 17.03 25.96 -2.05
CA VAL D 89 18.28 25.52 -2.67
C VAL D 89 18.87 26.67 -3.48
N GLY D 90 20.12 27.01 -3.19
CA GLY D 90 20.85 27.96 -3.99
C GLY D 90 20.26 29.36 -3.91
N GLY D 91 20.51 30.13 -4.97
CA GLY D 91 19.95 31.47 -5.06
C GLY D 91 20.74 32.53 -4.32
N VAL D 92 21.98 32.26 -3.95
CA VAL D 92 22.80 33.22 -3.23
C VAL D 92 23.60 34.04 -4.23
N THR D 93 23.50 35.37 -4.12
CA THR D 93 24.31 36.31 -4.88
C THR D 93 25.05 37.21 -3.89
N LYS D 94 26.07 37.90 -4.38
CA LYS D 94 27.04 38.52 -3.49
C LYS D 94 26.49 39.76 -2.81
N LYS D 95 26.99 40.01 -1.60
CA LYS D 95 26.79 41.26 -0.87
C LYS D 95 27.33 42.41 -1.70
N ASN D 96 26.43 43.19 -2.30
CA ASN D 96 26.80 44.16 -3.32
C ASN D 96 26.55 45.58 -2.83
N ASN D 97 27.55 46.43 -2.98
CA ASN D 97 27.42 47.85 -2.71
C ASN D 97 27.12 48.65 -3.97
N GLN D 98 26.76 47.98 -5.06
CA GLN D 98 26.38 48.63 -6.30
C GLN D 98 25.18 47.93 -6.90
N SER D 99 24.34 48.70 -7.57
CA SER D 99 23.07 48.18 -8.08
C SER D 99 22.62 49.03 -9.26
N SER D 100 21.94 48.39 -10.20
CA SER D 100 21.36 49.10 -11.34
C SER D 100 20.28 48.22 -11.95
N GLU D 101 19.51 48.82 -12.84
CA GLU D 101 18.42 48.13 -13.53
C GLU D 101 18.88 47.65 -14.90
N THR D 102 18.58 46.39 -15.21
CA THR D 102 18.69 45.85 -16.55
C THR D 102 17.32 45.34 -16.98
N ASN D 103 16.77 45.98 -18.03
CA ASN D 103 15.53 45.54 -18.68
C ASN D 103 15.93 44.58 -19.79
N ILE D 104 15.55 43.32 -19.64
CA ILE D 104 15.99 42.25 -20.53
C ILE D 104 14.87 41.95 -21.51
N HIS D 105 15.17 42.02 -22.81
CA HIS D 105 14.21 41.63 -23.82
C HIS D 105 13.97 40.12 -23.75
N LEU D 106 12.70 39.74 -23.69
CA LEU D 106 12.30 38.33 -23.59
C LEU D 106 11.44 38.00 -24.81
N LEU D 107 12.01 37.26 -25.75
CA LEU D 107 11.29 36.80 -26.92
C LEU D 107 10.72 35.42 -26.65
N VAL D 108 9.41 35.28 -26.83
CA VAL D 108 8.71 34.03 -26.58
C VAL D 108 8.15 33.53 -27.90
N ASN D 109 8.62 32.37 -28.35
CA ASN D 109 8.12 31.73 -29.56
C ASN D 109 7.24 30.55 -29.19
N LYS D 110 6.05 30.49 -29.78
CA LYS D 110 5.14 29.38 -29.56
C LYS D 110 4.98 28.54 -30.82
N ALA D 118 5.34 34.22 -31.96
CA ALA D 118 6.32 35.27 -31.70
C ALA D 118 5.69 36.38 -30.88
N THR D 119 6.34 36.76 -29.78
CA THR D 119 5.79 37.81 -28.92
C THR D 119 6.92 38.43 -28.12
N ASN D 120 7.05 39.75 -28.21
CA ASN D 120 8.08 40.48 -27.48
C ASN D 120 7.61 40.75 -26.05
N ASP D 121 8.39 40.31 -25.07
CA ASP D 121 8.15 40.60 -23.67
C ASP D 121 9.41 41.23 -23.08
N SER D 122 9.35 41.55 -21.79
CA SER D 122 10.52 42.11 -21.11
C SER D 122 10.56 41.57 -19.70
N PHE D 123 11.71 41.78 -19.05
CA PHE D 123 12.01 41.11 -17.79
C PHE D 123 13.01 41.98 -17.06
N LEU D 124 12.60 42.55 -15.93
CA LEU D 124 13.38 43.56 -15.23
C LEU D 124 14.15 42.92 -14.08
N ILE D 125 15.47 43.01 -14.14
CA ILE D 125 16.35 42.49 -13.10
C ILE D 125 16.85 43.64 -12.25
N ASN D 126 16.94 43.41 -10.94
CA ASN D 126 17.20 44.45 -9.96
C ASN D 126 18.66 44.55 -9.53
N LYS D 127 19.44 43.48 -9.70
CA LYS D 127 20.78 43.40 -9.15
C LYS D 127 21.80 43.26 -10.27
N GLU D 128 23.06 43.54 -9.93
CA GLU D 128 24.15 43.39 -10.88
C GLU D 128 24.66 41.96 -10.97
N GLU D 129 24.50 41.16 -9.91
CA GLU D 129 24.71 39.72 -9.97
C GLU D 129 23.38 39.06 -9.66
N VAL D 130 22.92 38.20 -10.58
CA VAL D 130 21.64 37.50 -10.45
C VAL D 130 21.89 36.00 -10.51
N SER D 131 21.13 35.25 -9.73
CA SER D 131 21.27 33.80 -9.71
C SER D 131 20.46 33.17 -10.84
N LEU D 132 21.03 32.13 -11.46
CA LEU D 132 20.29 31.38 -12.47
C LEU D 132 18.95 30.91 -11.92
N LYS D 133 18.92 30.56 -10.62
CA LYS D 133 17.67 30.21 -9.98
C LYS D 133 16.61 31.29 -10.18
N GLU D 134 16.97 32.55 -9.88
CA GLU D 134 15.99 33.63 -9.99
C GLU D 134 15.56 33.83 -11.44
N LEU D 135 16.51 33.79 -12.38
CA LEU D 135 16.16 33.92 -13.79
C LEU D 135 15.21 32.81 -14.21
N ASP D 136 15.56 31.56 -13.87
CA ASP D 136 14.71 30.43 -14.23
C ASP D 136 13.32 30.59 -13.63
N PHE D 137 13.25 30.88 -12.33
CA PHE D 137 11.95 30.89 -11.67
C PHE D 137 11.07 32.01 -12.18
N LYS D 138 11.64 33.22 -12.33
CA LYS D 138 10.85 34.37 -12.74
C LYS D 138 10.39 34.24 -14.19
N ILE D 139 11.25 33.72 -15.06
CA ILE D 139 10.85 33.51 -16.45
C ILE D 139 9.72 32.49 -16.52
N ARG D 140 9.88 31.36 -15.83
CA ARG D 140 8.85 30.32 -15.88
C ARG D 140 7.53 30.81 -15.30
N LYS D 141 7.59 31.57 -14.20
CA LYS D 141 6.35 32.10 -13.62
C LYS D 141 5.62 32.97 -14.63
N GLN D 142 6.35 33.81 -15.36
CA GLN D 142 5.74 34.62 -16.41
C GLN D 142 5.15 33.73 -17.50
N LEU D 143 5.84 32.65 -17.85
CA LEU D 143 5.31 31.74 -18.86
C LEU D 143 4.05 31.03 -18.36
N VAL D 144 4.03 30.69 -17.07
CA VAL D 144 2.85 30.01 -16.52
C VAL D 144 1.65 30.93 -16.51
N GLU D 145 1.86 32.21 -16.20
CA GLU D 145 0.76 33.12 -15.97
C GLU D 145 0.26 33.81 -17.23
N LYS D 146 1.08 33.91 -18.28
CA LYS D 146 0.68 34.63 -19.48
C LYS D 146 0.78 33.80 -20.76
N TYR D 147 1.45 32.65 -20.74
CA TYR D 147 1.66 31.89 -21.97
C TYR D 147 1.23 30.44 -21.85
N GLY D 148 0.49 30.08 -20.82
CA GLY D 148 -0.10 28.75 -20.74
C GLY D 148 0.84 27.63 -20.35
N LEU D 149 2.06 27.92 -19.91
CA LEU D 149 3.00 26.88 -19.58
C LEU D 149 2.48 26.01 -18.43
N TYR D 150 2.78 24.70 -18.51
CA TYR D 150 2.39 23.73 -17.49
C TYR D 150 0.87 23.68 -17.34
N GLN D 151 0.17 23.83 -18.46
CA GLN D 151 -1.28 23.75 -18.53
C GLN D 151 -1.66 23.01 -19.80
N GLY D 152 -2.63 22.11 -19.69
CA GLY D 152 -3.04 21.33 -20.85
C GLY D 152 -1.93 20.44 -21.37
N THR D 153 -1.41 20.75 -22.56
CA THR D 153 -0.35 19.97 -23.18
C THR D 153 0.96 20.75 -23.28
N SER D 154 1.06 21.87 -22.58
CA SER D 154 2.24 22.74 -22.64
C SER D 154 3.16 22.40 -21.49
N LYS D 155 4.37 21.93 -21.80
CA LYS D 155 5.34 21.58 -20.77
C LYS D 155 6.75 21.75 -21.29
N TYR D 156 7.00 21.22 -22.48
CA TYR D 156 8.34 21.19 -23.01
C TYR D 156 8.66 22.46 -23.79
N GLY D 157 9.93 22.67 -24.02
CA GLY D 157 10.43 23.92 -24.56
C GLY D 157 11.79 24.23 -23.97
N LYS D 158 12.23 25.46 -24.20
CA LYS D 158 13.59 25.81 -23.83
C LYS D 158 13.72 27.31 -23.59
N ILE D 159 14.41 27.66 -22.51
CA ILE D 159 14.86 29.02 -22.24
C ILE D 159 16.30 29.12 -22.70
N THR D 160 16.60 30.14 -23.50
CA THR D 160 17.95 30.36 -24.00
C THR D 160 18.41 31.74 -23.54
N ILE D 161 19.32 31.77 -22.57
CA ILE D 161 19.90 33.02 -22.10
C ILE D 161 21.09 33.34 -23.00
N ILE D 162 20.95 34.37 -23.82
CA ILE D 162 21.98 34.74 -24.79
C ILE D 162 22.83 35.85 -24.19
N LEU D 163 24.11 35.58 -24.04
CA LEU D 163 25.03 36.54 -23.43
C LEU D 163 25.68 37.41 -24.49
N ASN D 164 26.25 38.52 -24.04
CA ASN D 164 27.01 39.38 -24.93
C ASN D 164 28.20 38.62 -25.49
N GLY D 165 28.32 38.61 -26.81
CA GLY D 165 29.38 37.90 -27.50
C GLY D 165 28.94 36.63 -28.21
N GLY D 166 27.76 36.08 -27.88
CA GLY D 166 27.21 34.96 -28.61
C GLY D 166 27.09 33.68 -27.79
N LYS D 167 27.89 33.53 -26.73
CA LYS D 167 27.66 32.51 -25.73
C LYS D 167 26.20 32.51 -25.26
N LYS D 168 25.73 31.30 -24.97
CA LYS D 168 24.35 31.00 -24.62
C LYS D 168 24.36 30.04 -23.44
N GLN D 169 23.26 30.07 -22.69
CA GLN D 169 23.03 29.19 -21.55
C GLN D 169 21.56 28.80 -21.61
N GLU D 170 21.29 27.49 -21.59
CA GLU D 170 19.97 26.97 -21.92
C GLU D 170 19.41 26.17 -20.76
N ILE D 171 18.09 26.24 -20.61
CA ILE D 171 17.35 25.54 -19.57
C ILE D 171 16.21 24.82 -20.24
N ASP D 172 16.01 23.54 -19.89
CA ASP D 172 14.92 22.76 -20.42
C ASP D 172 13.70 22.90 -19.51
N LEU D 173 12.55 23.22 -20.10
CA LEU D 173 11.31 23.42 -19.35
C LEU D 173 10.64 22.11 -18.95
N GLY D 174 11.11 20.97 -19.47
CA GLY D 174 10.50 19.70 -19.16
C GLY D 174 10.70 19.23 -17.74
N ASP D 175 11.68 19.79 -17.04
CA ASP D 175 11.97 19.45 -15.66
C ASP D 175 12.28 20.71 -14.88
N LYS D 176 12.16 20.63 -13.56
CA LYS D 176 12.65 21.70 -12.71
C LYS D 176 14.15 21.90 -12.95
N LEU D 177 14.61 23.14 -12.78
CA LEU D 177 16.04 23.42 -12.84
C LEU D 177 16.77 22.49 -11.87
N GLN D 178 17.96 22.02 -12.27
CA GLN D 178 18.58 20.97 -11.46
C GLN D 178 19.20 21.64 -10.24
N PHE D 179 19.06 21.01 -9.07
CA PHE D 179 19.46 21.65 -7.81
C PHE D 179 20.88 22.17 -7.90
N GLU D 180 21.76 21.42 -8.56
CA GLU D 180 23.17 21.77 -8.64
C GLU D 180 23.41 23.04 -9.46
N ARG D 181 22.47 23.44 -10.30
CA ARG D 181 22.61 24.65 -11.11
C ARG D 181 22.07 25.90 -10.44
N MET D 182 21.28 25.76 -9.38
CA MET D 182 20.63 26.92 -8.76
C MET D 182 21.63 27.88 -8.14
N GLY D 183 22.82 27.40 -7.77
CA GLY D 183 23.83 28.28 -7.22
C GLY D 183 24.66 29.01 -8.25
N ASP D 184 24.49 28.70 -9.53
CA ASP D 184 25.21 29.44 -10.57
C ASP D 184 24.68 30.86 -10.67
N VAL D 185 25.58 31.79 -10.96
CA VAL D 185 25.23 33.21 -11.02
C VAL D 185 25.70 33.78 -12.34
N LEU D 186 25.10 34.91 -12.72
CA LEU D 186 25.47 35.63 -13.92
C LEU D 186 25.58 37.12 -13.60
N ASN D 187 26.41 37.82 -14.37
CA ASN D 187 26.44 39.28 -14.32
C ASN D 187 25.30 39.81 -15.18
N SER D 188 24.43 40.62 -14.58
CA SER D 188 23.27 41.12 -15.31
C SER D 188 23.70 41.87 -16.56
N LYS D 189 24.74 42.70 -16.46
CA LYS D 189 25.22 43.44 -17.62
C LYS D 189 25.58 42.53 -18.78
N ASP D 190 25.90 41.26 -18.50
CA ASP D 190 26.32 40.35 -19.55
C ASP D 190 25.16 39.71 -20.30
N ILE D 191 23.92 39.90 -19.86
CA ILE D 191 22.77 39.35 -20.54
C ILE D 191 22.44 40.21 -21.75
N ASN D 192 22.37 39.57 -22.92
CA ASN D 192 21.98 40.26 -24.15
C ASN D 192 20.47 40.20 -24.35
N LYS D 193 19.89 39.00 -24.24
CA LYS D 193 18.45 38.82 -24.37
C LYS D 193 18.13 37.38 -24.01
N ILE D 194 16.84 37.09 -23.83
CA ILE D 194 16.35 35.76 -23.50
C ILE D 194 15.40 35.32 -24.60
N GLU D 195 15.57 34.10 -25.11
CA GLU D 195 14.55 33.52 -25.98
C GLU D 195 13.98 32.24 -25.36
N VAL D 196 12.65 32.11 -25.43
CA VAL D 196 11.91 30.94 -25.00
C VAL D 196 11.23 30.36 -26.21
N THR D 197 11.26 29.04 -26.32
CA THR D 197 10.51 28.30 -27.33
C THR D 197 9.57 27.34 -26.61
N LEU D 198 8.28 27.50 -26.86
CA LEU D 198 7.27 26.63 -26.29
C LEU D 198 6.83 25.62 -27.35
N LYS D 199 7.21 24.37 -27.12
CA LYS D 199 6.90 23.23 -27.97
C LYS D 199 5.72 22.48 -27.35
N GLN D 200 4.53 22.69 -27.88
CA GLN D 200 3.29 22.08 -27.43
C GLN D 200 2.86 20.98 -28.41
N ILE D 201 1.89 20.18 -27.98
CA ILE D 201 1.41 19.07 -28.77
C ILE D 201 -0.04 19.32 -29.17
C1 NAG E . 20.24 7.99 22.08
C2 NAG E . 19.38 8.67 23.14
C3 NAG E . 18.04 7.95 23.28
C4 NAG E . 17.35 7.83 21.93
C5 NAG E . 18.29 7.18 20.91
C6 NAG E . 17.70 7.12 19.52
C7 NAG E . 21.07 9.55 24.69
C8 NAG E . 21.68 9.43 26.05
N2 NAG E . 20.08 8.70 24.42
O3 NAG E . 17.21 8.65 24.20
O4 NAG E . 16.17 7.03 22.05
O5 NAG E . 19.51 7.94 20.83
O6 NAG E . 16.28 7.02 19.56
O7 NAG E . 21.48 10.36 23.86
H2 NAG E . 19.20 9.59 22.86
H3 NAG E . 18.21 7.05 23.62
H4 NAG E . 17.10 8.72 21.61
H5 NAG E . 18.50 6.28 21.21
H61 NAG E . 18.06 6.34 19.06
H62 NAG E . 17.95 7.92 19.04
H81 NAG E . 22.47 9.99 26.10
H82 NAG E . 21.93 8.51 26.22
H83 NAG E . 21.03 9.72 26.72
HN2 NAG E . 19.81 8.12 25.08
HO3 NAG E . 16.44 8.22 24.28
HO4 NAG E . 15.60 7.24 21.41
HO6 NAG E . 15.96 6.98 18.73
C5 1PG F . 14.05 15.66 -4.67
O3 1PG F . 13.17 16.05 -3.67
C6 1PG F . 13.02 17.44 -3.54
C7 1PG F . 11.53 17.72 -3.37
O4 1PG F . 10.87 17.70 -4.59
C8 1PG F . 9.51 17.39 -4.48
C9 1PG F . 8.74 18.48 -3.73
O5 1PG F . 7.49 18.65 -4.34
C10 1PG F . 6.57 19.42 -3.61
C11 1PG F . 5.29 19.56 -4.42
O6 1PG F . 4.17 19.24 -3.63
H51 1PG F . 14.96 16.26 -4.64
H52 1PG F . 13.57 15.77 -5.64
H61 1PG F . 13.39 17.93 -4.44
H62 1PG F . 13.57 17.79 -2.67
H71 1PG F . 11.11 16.95 -2.72
H72 1PG F . 11.40 18.69 -2.90
H81 1PG F . 9.41 16.46 -3.93
H82 1PG F . 9.08 17.28 -5.47
H91 1PG F . 8.61 18.20 -2.70
H92 1PG F . 9.30 19.42 -3.77
H101 1PG F . 6.36 18.93 -2.67
H102 1PG F . 7.00 20.40 -3.41
H111 1PG F . 5.19 20.58 -4.77
H112 1PG F . 5.32 18.88 -5.27
HO6 1PG F . 3.47 19.85 -3.81
C5 1PG G . -10.11 13.52 15.85
O3 1PG G . -10.07 12.15 16.15
C6 1PG G . -9.19 11.85 17.19
C7 1PG G . -8.39 10.59 16.86
O4 1PG G . -8.85 9.93 15.72
C8 1PG G . -8.24 8.68 15.55
C9 1PG G . -8.94 7.85 14.46
O5 1PG G . -9.25 8.64 13.34
C10 1PG G . -9.47 7.89 12.17
C11 1PG G . -10.68 8.42 11.41
O6 1PG G . -10.43 9.73 11.00
H51 1PG G . -9.11 13.87 15.56
H52 1PG G . -10.45 14.08 16.71
H61 1PG G . -9.75 11.68 18.10
H62 1PG G . -8.50 12.68 17.33
H71 1PG G . -7.35 10.87 16.70
H72 1PG G . -8.44 9.91 17.71
H81 1PG G . -8.28 8.14 16.48
H82 1PG G . -7.21 8.84 15.26
H91 1PG G . -8.28 7.05 14.15
H92 1PG G . -9.85 7.44 14.86
H101 1PG G . -9.64 6.84 12.46
H102 1PG G . -8.59 7.94 11.54
H111 1PG G . -11.56 8.39 12.05
H112 1PG G . -10.85 7.79 10.54
HO6 1PG G . -11.10 9.99 10.38
C5 1PG H . -3.88 17.78 20.20
O3 1PG H . -3.96 18.13 18.85
C6 1PG H . -3.25 17.28 17.98
C7 1PG H . -3.22 17.89 16.59
O4 1PG H . -1.96 17.71 16.00
C8 1PG H . -1.87 18.19 14.69
C9 1PG H . -0.41 18.45 14.31
O5 1PG H . 0.29 17.24 14.24
C10 1PG H . 1.65 17.40 14.50
C11 1PG H . 1.87 17.49 16.01
O6 1PG H . 0.99 16.61 16.67
H51 1PG H . -3.11 17.03 20.36
H52 1PG H . -3.62 18.67 20.78
H61 1PG H . -3.74 16.31 17.94
H62 1PG H . -2.23 17.15 18.35
H71 1PG H . -3.44 18.95 16.65
H72 1PG H . -3.97 17.40 15.96
H81 1PG H . -2.43 19.13 14.61
H82 1PG H . -2.29 17.45 14.01
H91 1PG H . -0.38 18.94 13.34
H92 1PG H . 0.05 19.10 15.05
H101 1PG H . 2.19 16.55 14.10
H102 1PG H . 2.02 18.30 14.02
H111 1PG H . 1.68 18.50 16.34
H112 1PG H . 2.89 17.20 16.25
HO6 1PG H . 1.36 16.34 17.49
C1 GOL I . 12.21 5.26 11.38
O1 GOL I . 13.00 4.12 11.19
C2 GOL I . 11.09 4.89 12.37
O2 GOL I . 10.26 5.97 12.64
C3 GOL I . 10.37 3.75 11.67
O3 GOL I . 11.14 2.59 11.87
H11 GOL I . 11.81 5.58 10.57
H12 GOL I . 12.71 6.01 11.76
HO1 GOL I . 13.32 3.90 11.96
H2 GOL I . 11.44 4.63 13.24
HO2 GOL I . 9.66 5.69 13.17
H31 GOL I . 10.27 3.98 10.73
H32 GOL I . 9.47 3.68 12.02
HO3 GOL I . 10.81 1.98 11.37
C5 1PG J . 12.35 -12.63 -10.27
O3 1PG J . 11.50 -11.66 -9.73
C6 1PG J . 11.92 -10.34 -9.93
C7 1PG J . 10.74 -9.38 -9.78
O4 1PG J . 10.04 -9.26 -10.99
C8 1PG J . 10.01 -7.94 -11.45
C9 1PG J . 9.57 -7.89 -12.92
O5 1PG J . 8.61 -8.88 -13.16
H51 1PG J . 13.38 -12.37 -10.05
H52 1PG J . 12.21 -12.67 -11.34
H61 1PG J . 12.69 -10.10 -9.22
H62 1PG J . 12.32 -10.25 -10.95
H71 1PG J . 10.08 -9.75 -9.01
H72 1PG J . 11.12 -8.40 -9.50
H81 1PG J . 11.01 -7.52 -11.37
H82 1PG J . 9.32 -7.37 -10.86
H91 1PG J . 10.44 -8.07 -13.55
H92 1PG J . 9.15 -6.92 -13.13
C5 1PG K . -15.20 -11.69 -6.79
O3 1PG K . -15.48 -12.89 -6.13
C6 1PG K . -16.75 -12.89 -5.55
C7 1PG K . -16.63 -13.31 -4.09
O4 1PG K . -17.29 -12.41 -3.25
C8 1PG K . -16.81 -12.41 -1.94
C9 1PG K . -17.26 -13.71 -1.27
O5 1PG K . -16.18 -14.24 -0.54
H51 1PG K . -15.38 -10.85 -6.12
H52 1PG K . -15.85 -11.59 -7.65
H61 1PG K . -17.17 -11.89 -5.60
H62 1PG K . -17.40 -13.57 -6.08
H71 1PG K . -17.08 -14.30 -3.97
H72 1PG K . -15.59 -13.36 -3.81
H81 1PG K . -15.73 -12.35 -1.95
H82 1PG K . -17.21 -11.57 -1.39
H91 1PG K . -17.56 -14.42 -2.03
H92 1PG K . -18.08 -13.52 -0.60
C1 EDO L . -3.85 -17.58 18.24
O1 EDO L . -2.55 -17.65 17.63
C2 EDO L . -4.63 -16.43 17.62
O2 EDO L . -6.03 -16.77 17.59
H11 EDO L . -4.38 -18.52 18.08
H12 EDO L . -3.74 -17.42 19.31
HO1 EDO L . -2.05 -18.39 18.01
H21 EDO L . -4.28 -16.24 16.61
H22 EDO L . -4.49 -15.51 18.21
HO2 EDO L . -6.53 -16.04 17.21
C1 EDO M . 6.20 1.01 12.03
O1 EDO M . 7.03 2.01 11.43
C2 EDO M . 6.71 -0.36 11.59
O2 EDO M . 7.09 -1.11 12.74
H11 EDO M . 5.17 1.15 11.72
H12 EDO M . 6.25 1.09 13.12
HO1 EDO M . 6.74 2.89 11.72
H21 EDO M . 7.57 -0.24 10.92
H22 EDO M . 5.93 -0.88 11.04
HO2 EDO M . 7.43 -1.97 12.47
C5 1PG N . -9.65 -25.26 -2.39
O3 1PG N . -10.09 -25.04 -1.09
C6 1PG N . -10.22 -26.21 -0.34
C7 1PG N . -8.83 -26.73 0.04
O4 1PG N . -8.91 -28.11 0.25
C8 1PG N . -7.70 -28.81 0.17
C9 1PG N . -7.31 -28.99 -1.30
O5 1PG N . -6.16 -29.76 -1.41
C10 1PG N . -6.20 -30.73 -2.41
C11 1PG N . -6.23 -30.08 -3.79
O6 1PG N . -6.70 -31.03 -4.73
H51 1PG N . -8.81 -24.60 -2.58
H52 1PG N . -9.31 -26.29 -2.50
H61 1PG N . -10.78 -26.00 0.57
H62 1PG N . -10.74 -26.96 -0.92
H71 1PG N . -8.14 -26.53 -0.77
H72 1PG N . -8.49 -26.25 0.94
H81 1PG N . -7.82 -29.78 0.62
H82 1PG N . -6.93 -28.26 0.68
H91 1PG N . -8.12 -29.48 -1.84
H92 1PG N . -7.14 -28.01 -1.74
H101 1PG N . -7.10 -31.32 -2.28
H102 1PG N . -5.33 -31.37 -2.33
H111 1PG N . -5.22 -29.78 -4.07
H112 1PG N . -6.88 -29.22 -3.79
HO6 1PG N . -6.68 -30.67 -5.60
C1 GOL O . -14.25 -27.62 -19.02
O1 GOL O . -13.22 -27.19 -18.20
C2 GOL O . -14.65 -26.45 -19.92
O2 GOL O . -15.01 -25.34 -19.19
C3 GOL O . -15.83 -27.04 -20.70
O3 GOL O . -16.26 -26.03 -21.55
H11 GOL O . -15.03 -27.93 -18.52
H12 GOL O . -13.99 -28.38 -19.58
HO1 GOL O . -13.37 -26.36 -18.05
H2 GOL O . -13.92 -26.18 -20.48
H31 GOL O . -16.51 -27.33 -20.07
H32 GOL O . -15.54 -27.84 -21.15
HO3 GOL O . -16.15 -25.30 -21.14
C5 1PG P . 14.67 26.07 15.97
O3 1PG P . 14.84 24.71 16.27
C6 1PG P . 13.72 23.92 15.99
C7 1PG P . 14.07 22.45 16.16
O4 1PG P . 15.38 22.20 15.70
C8 1PG P . 15.50 20.97 15.05
C9 1PG P . 16.90 20.77 14.48
O5 1PG P . 16.77 20.02 13.30
C10 1PG P . 16.69 20.74 12.11
C11 1PG P . 16.01 19.87 11.06
O6 1PG P . 14.98 20.57 10.42
H51 1PG P . 13.75 26.45 16.42
H52 1PG P . 14.62 26.21 14.90
H61 1PG P . 13.41 24.10 14.97
H62 1PG P . 12.92 24.19 16.67
H71 1PG P . 14.01 22.19 17.21
H72 1PG P . 13.37 21.85 15.60
H81 1PG P . 14.77 20.94 14.23
H82 1PG P . 15.28 20.18 15.76
H91 1PG P . 17.34 21.73 14.25
H92 1PG P . 17.51 20.23 15.19
H101 1PG P . 16.11 21.65 12.27
H102 1PG P . 17.69 21.01 11.78
H111 1PG P . 16.74 19.56 10.31
H112 1PG P . 15.59 19.00 11.55
HO6 1PG P . 14.49 19.99 9.86
C1 EDO Q . 30.41 21.01 8.51
O1 EDO Q . 30.74 22.24 9.15
C2 EDO Q . 30.25 21.23 7.01
O2 EDO Q . 30.01 19.98 6.36
H11 EDO Q . 31.19 20.27 8.70
H12 EDO Q . 29.47 20.61 8.93
HO1 EDO Q . 30.74 22.12 10.11
H21 EDO Q . 31.15 21.68 6.61
H22 EDO Q . 29.42 21.91 6.83
HO2 EDO Q . 29.90 20.12 5.41
C1 EDO R . -2.04 21.57 -14.66
O1 EDO R . -2.63 22.79 -14.18
C2 EDO R . -3.13 20.74 -15.33
O2 EDO R . -3.52 21.34 -16.58
H11 EDO R . -1.61 21.02 -13.83
H12 EDO R . -1.25 21.80 -15.37
HO1 EDO R . -1.95 23.33 -13.74
H21 EDO R . -4.00 20.66 -14.67
H22 EDO R . -2.76 19.73 -15.51
HO2 EDO R . -4.23 20.83 -16.98
#